data_2Z3S
#
_entry.id   2Z3S
#
_entity_poly.entity_id   1
_entity_poly.type   'polypeptide(L)'
_entity_poly.pdbx_seq_one_letter_code
;GVPINVSCTGSKDCYAPCRKQTGCPNAKCINKSCKCYGC
;
_entity_poly.pdbx_strand_id   A
#
# COMPACT_ATOMS: atom_id res chain seq x y z
N GLY A 1 -9.40 2.45 8.30
CA GLY A 1 -8.01 2.43 7.83
C GLY A 1 -7.39 1.06 7.93
N VAL A 2 -6.69 0.64 6.87
CA VAL A 2 -6.04 -0.66 6.86
C VAL A 2 -4.61 -0.55 7.38
N PRO A 3 -4.16 -1.53 8.16
CA PRO A 3 -2.83 -1.50 8.79
C PRO A 3 -1.72 -1.99 7.86
N ILE A 4 -1.82 -1.68 6.58
CA ILE A 4 -0.77 -2.03 5.63
C ILE A 4 -0.05 -0.74 5.21
N ASN A 5 0.63 -0.14 6.18
CA ASN A 5 1.34 1.12 5.97
C ASN A 5 2.77 0.86 5.53
N VAL A 6 3.14 1.38 4.37
CA VAL A 6 4.47 1.20 3.84
C VAL A 6 5.13 2.56 3.58
N SER A 7 6.43 2.64 3.75
CA SER A 7 7.16 3.86 3.45
C SER A 7 7.07 4.19 1.97
N CYS A 8 6.79 5.46 1.66
CA CYS A 8 6.49 5.87 0.29
C CYS A 8 7.76 6.21 -0.47
N THR A 9 8.82 5.53 -0.11
CA THR A 9 10.08 5.66 -0.83
C THR A 9 10.10 4.64 -1.97
N GLY A 10 9.75 3.41 -1.63
CA GLY A 10 9.57 2.38 -2.62
C GLY A 10 8.10 2.12 -2.91
N SER A 11 7.53 2.86 -3.87
CA SER A 11 6.15 2.67 -4.27
C SER A 11 5.86 1.20 -4.61
N LYS A 12 6.81 0.56 -5.30
CA LYS A 12 6.67 -0.86 -5.65
C LYS A 12 6.60 -1.72 -4.39
N ASP A 13 7.37 -1.31 -3.38
CA ASP A 13 7.43 -2.02 -2.10
C ASP A 13 6.14 -1.83 -1.33
N CYS A 14 5.34 -0.87 -1.77
CA CYS A 14 4.00 -0.69 -1.23
C CYS A 14 3.01 -1.53 -2.05
N TYR A 15 3.16 -1.49 -3.37
CA TYR A 15 2.27 -2.23 -4.27
C TYR A 15 2.23 -3.72 -3.94
N ALA A 16 3.37 -4.27 -3.53
CA ALA A 16 3.42 -5.69 -3.15
C ALA A 16 2.44 -5.98 -1.98
N PRO A 17 2.60 -5.34 -0.80
CA PRO A 17 1.61 -5.42 0.30
C PRO A 17 0.19 -5.19 -0.18
N CYS A 18 0.01 -4.22 -1.07
CA CYS A 18 -1.31 -3.89 -1.59
C CYS A 18 -1.96 -5.10 -2.24
N ARG A 19 -1.32 -5.61 -3.29
CA ARG A 19 -1.86 -6.75 -4.02
C ARG A 19 -2.01 -7.95 -3.09
N LYS A 20 -0.95 -8.20 -2.32
CA LYS A 20 -0.87 -9.34 -1.41
C LYS A 20 -2.08 -9.39 -0.48
N GLN A 21 -2.42 -8.25 0.09
CA GLN A 21 -3.51 -8.18 1.07
C GLN A 21 -4.84 -7.87 0.41
N THR A 22 -4.96 -6.71 -0.21
CA THR A 22 -6.26 -6.21 -0.65
C THR A 22 -6.52 -6.52 -2.13
N GLY A 23 -5.61 -7.24 -2.78
CA GLY A 23 -5.83 -7.63 -4.15
C GLY A 23 -5.53 -6.52 -5.13
N CYS A 24 -6.44 -5.55 -5.22
CA CYS A 24 -6.27 -4.44 -6.15
C CYS A 24 -5.29 -3.43 -5.56
N PRO A 25 -4.22 -3.14 -6.30
CA PRO A 25 -3.15 -2.29 -5.80
C PRO A 25 -3.43 -0.79 -5.93
N ASN A 26 -4.35 -0.29 -5.10
CA ASN A 26 -4.59 1.14 -5.02
C ASN A 26 -3.93 1.69 -3.77
N ALA A 27 -2.65 1.96 -3.89
CA ALA A 27 -1.87 2.43 -2.76
C ALA A 27 -1.87 3.94 -2.70
N LYS A 28 -2.25 4.47 -1.56
CA LYS A 28 -2.12 5.89 -1.30
C LYS A 28 -0.69 6.17 -0.85
N CYS A 29 0.23 6.24 -1.80
CA CYS A 29 1.63 6.48 -1.49
C CYS A 29 1.84 7.97 -1.23
N ILE A 30 1.64 8.37 0.01
CA ILE A 30 1.94 9.73 0.43
C ILE A 30 3.28 9.73 1.14
N ASN A 31 4.07 10.79 0.96
CA ASN A 31 5.43 10.85 1.51
C ASN A 31 5.51 10.31 2.93
N LYS A 32 4.55 10.71 3.77
CA LYS A 32 4.48 10.27 5.15
C LYS A 32 4.19 8.78 5.28
N SER A 33 3.24 8.29 4.47
CA SER A 33 2.79 6.91 4.58
C SER A 33 2.10 6.45 3.30
N CYS A 34 2.36 5.20 2.91
CA CYS A 34 1.65 4.59 1.80
C CYS A 34 0.62 3.61 2.34
N LYS A 35 -0.63 3.79 1.95
CA LYS A 35 -1.71 2.96 2.46
C LYS A 35 -2.32 2.10 1.35
N CYS A 36 -2.23 0.79 1.51
CA CYS A 36 -2.72 -0.16 0.51
C CYS A 36 -4.24 -0.37 0.59
N TYR A 37 -4.95 0.08 -0.42
CA TYR A 37 -6.39 -0.13 -0.48
C TYR A 37 -6.78 -0.79 -1.80
N GLY A 38 -7.90 -1.47 -1.77
CA GLY A 38 -8.36 -2.20 -2.93
C GLY A 38 -9.28 -1.39 -3.79
N CYS A 39 -10.04 -2.06 -4.65
CA CYS A 39 -10.92 -1.37 -5.58
C CYS A 39 -12.30 -2.00 -5.54
N GLY A 1 -11.99 -1.90 1.24
CA GLY A 1 -10.92 -2.92 1.39
C GLY A 1 -10.16 -2.77 2.68
N VAL A 2 -9.23 -3.67 2.93
CA VAL A 2 -8.42 -3.64 4.14
C VAL A 2 -7.38 -2.51 4.04
N PRO A 3 -7.24 -1.71 5.11
CA PRO A 3 -6.25 -0.65 5.18
C PRO A 3 -4.87 -1.18 5.57
N ILE A 4 -4.00 -1.38 4.59
CA ILE A 4 -2.66 -1.86 4.84
C ILE A 4 -1.73 -0.68 5.12
N ASN A 5 -1.27 -0.60 6.35
CA ASN A 5 -0.35 0.43 6.79
C ASN A 5 1.08 -0.04 6.62
N VAL A 6 1.63 0.19 5.45
CA VAL A 6 2.96 -0.27 5.12
C VAL A 6 3.85 0.92 4.74
N SER A 7 5.16 0.71 4.74
CA SER A 7 6.14 1.74 4.42
C SER A 7 5.88 2.40 3.06
N CYS A 8 6.66 3.43 2.77
CA CYS A 8 6.52 4.19 1.54
C CYS A 8 7.88 4.57 1.02
N THR A 9 8.63 3.55 0.63
CA THR A 9 9.93 3.77 0.03
C THR A 9 9.75 3.96 -1.47
N GLY A 10 9.57 2.87 -2.19
CA GLY A 10 9.17 2.95 -3.58
C GLY A 10 7.69 2.67 -3.73
N SER A 11 7.16 2.84 -4.92
CA SER A 11 5.76 2.51 -5.18
C SER A 11 5.53 1.01 -4.99
N LYS A 12 6.45 0.20 -5.50
CA LYS A 12 6.33 -1.25 -5.41
C LYS A 12 6.49 -1.71 -3.95
N ASP A 13 7.17 -0.89 -3.16
CA ASP A 13 7.41 -1.20 -1.75
C ASP A 13 6.10 -1.49 -1.03
N CYS A 14 5.09 -0.66 -1.28
CA CYS A 14 3.76 -0.91 -0.72
C CYS A 14 2.92 -1.75 -1.66
N TYR A 15 3.15 -1.62 -2.98
CA TYR A 15 2.38 -2.38 -3.97
C TYR A 15 2.38 -3.88 -3.69
N ALA A 16 3.50 -4.40 -3.18
CA ALA A 16 3.58 -5.81 -2.83
C ALA A 16 2.54 -6.17 -1.74
N PRO A 17 2.59 -5.54 -0.53
CA PRO A 17 1.55 -5.68 0.49
C PRO A 17 0.14 -5.38 -0.05
N CYS A 18 0.04 -4.34 -0.88
CA CYS A 18 -1.24 -3.97 -1.48
C CYS A 18 -1.86 -5.16 -2.19
N ARG A 19 -1.16 -5.65 -3.21
CA ARG A 19 -1.65 -6.75 -4.03
C ARG A 19 -1.87 -7.98 -3.15
N LYS A 20 -0.90 -8.30 -2.31
CA LYS A 20 -0.94 -9.49 -1.48
C LYS A 20 -2.20 -9.53 -0.61
N GLN A 21 -2.54 -8.41 0.02
CA GLN A 21 -3.66 -8.37 0.93
C GLN A 21 -4.96 -8.00 0.20
N THR A 22 -5.03 -6.80 -0.36
CA THR A 22 -6.29 -6.33 -0.91
C THR A 22 -6.51 -6.82 -2.35
N GLY A 23 -5.45 -7.31 -3.01
CA GLY A 23 -5.60 -7.87 -4.34
C GLY A 23 -5.67 -6.82 -5.45
N CYS A 24 -5.82 -5.57 -5.07
CA CYS A 24 -5.99 -4.48 -6.04
C CYS A 24 -5.15 -3.28 -5.61
N PRO A 25 -4.12 -2.93 -6.39
CA PRO A 25 -3.14 -1.91 -6.01
C PRO A 25 -3.64 -0.47 -6.14
N ASN A 26 -4.28 0.02 -5.08
CA ASN A 26 -4.61 1.44 -4.97
C ASN A 26 -4.00 2.01 -3.70
N ALA A 27 -2.74 2.37 -3.79
CA ALA A 27 -1.99 2.78 -2.61
C ALA A 27 -1.66 4.27 -2.64
N LYS A 28 -1.79 4.91 -1.49
CA LYS A 28 -1.39 6.30 -1.32
C LYS A 28 -0.05 6.37 -0.61
N CYS A 29 1.01 6.55 -1.38
CA CYS A 29 2.35 6.56 -0.82
C CYS A 29 2.73 7.95 -0.33
N ILE A 30 2.51 8.20 0.95
CA ILE A 30 2.99 9.42 1.58
C ILE A 30 4.17 9.05 2.48
N ASN A 31 5.12 9.95 2.67
CA ASN A 31 6.40 9.64 3.33
C ASN A 31 6.18 8.86 4.64
N LYS A 32 5.14 9.20 5.38
CA LYS A 32 4.79 8.46 6.59
C LYS A 32 4.50 6.99 6.29
N SER A 33 3.60 6.75 5.34
CA SER A 33 3.14 5.40 5.05
C SER A 33 2.49 5.33 3.67
N CYS A 34 2.55 4.17 3.04
CA CYS A 34 1.83 3.96 1.80
C CYS A 34 0.59 3.14 2.09
N LYS A 35 -0.57 3.78 2.06
CA LYS A 35 -1.81 3.13 2.46
C LYS A 35 -2.36 2.26 1.33
N CYS A 36 -2.32 0.95 1.53
CA CYS A 36 -2.83 0.01 0.54
C CYS A 36 -4.34 -0.13 0.64
N TYR A 37 -5.03 0.23 -0.44
CA TYR A 37 -6.45 -0.02 -0.55
C TYR A 37 -6.74 -0.67 -1.88
N GLY A 38 -7.89 -1.30 -2.01
CA GLY A 38 -8.20 -2.04 -3.22
C GLY A 38 -9.55 -1.71 -3.79
N CYS A 39 -9.81 -2.22 -4.98
CA CYS A 39 -11.06 -1.98 -5.67
C CYS A 39 -12.07 -3.07 -5.33
N GLY A 1 -8.49 0.08 9.58
CA GLY A 1 -8.70 -1.05 8.64
C GLY A 1 -7.42 -1.79 8.35
N VAL A 2 -7.08 -1.93 7.08
CA VAL A 2 -5.83 -2.55 6.67
C VAL A 2 -4.63 -1.72 7.18
N PRO A 3 -3.78 -2.31 8.02
CA PRO A 3 -2.67 -1.61 8.66
C PRO A 3 -1.34 -1.80 7.94
N ILE A 4 -1.32 -1.69 6.63
CA ILE A 4 -0.07 -1.75 5.88
C ILE A 4 0.43 -0.34 5.62
N ASN A 5 0.93 0.29 6.67
CA ASN A 5 1.38 1.68 6.63
C ASN A 5 2.85 1.76 6.31
N VAL A 6 3.24 1.14 5.22
CA VAL A 6 4.64 1.12 4.80
C VAL A 6 5.00 2.44 4.12
N SER A 7 6.20 2.94 4.38
CA SER A 7 6.63 4.23 3.85
C SER A 7 6.62 4.23 2.32
N CYS A 8 6.01 5.27 1.73
CA CYS A 8 5.82 5.34 0.29
C CYS A 8 7.05 5.92 -0.40
N THR A 9 8.20 5.54 0.08
CA THR A 9 9.44 5.90 -0.57
C THR A 9 9.73 4.87 -1.66
N GLY A 10 9.48 3.60 -1.35
CA GLY A 10 9.49 2.56 -2.35
C GLY A 10 8.07 2.16 -2.72
N SER A 11 7.46 2.87 -3.67
CA SER A 11 6.08 2.59 -4.08
C SER A 11 5.87 1.13 -4.51
N LYS A 12 6.87 0.56 -5.18
CA LYS A 12 6.84 -0.85 -5.57
C LYS A 12 6.72 -1.73 -4.33
N ASP A 13 7.50 -1.38 -3.32
CA ASP A 13 7.52 -2.13 -2.07
C ASP A 13 6.24 -1.89 -1.27
N CYS A 14 5.42 -0.96 -1.75
CA CYS A 14 4.07 -0.80 -1.24
C CYS A 14 3.12 -1.68 -2.03
N TYR A 15 3.25 -1.63 -3.36
CA TYR A 15 2.36 -2.36 -4.24
C TYR A 15 2.36 -3.86 -3.94
N ALA A 16 3.51 -4.41 -3.55
CA ALA A 16 3.57 -5.82 -3.18
C ALA A 16 2.62 -6.12 -2.00
N PRO A 17 2.80 -5.50 -0.81
CA PRO A 17 1.84 -5.61 0.30
C PRO A 17 0.40 -5.32 -0.12
N CYS A 18 0.20 -4.20 -0.80
CA CYS A 18 -1.13 -3.76 -1.21
C CYS A 18 -1.84 -4.84 -2.02
N ARG A 19 -1.19 -5.32 -3.07
CA ARG A 19 -1.80 -6.25 -3.97
C ARG A 19 -1.99 -7.62 -3.31
N LYS A 20 -1.00 -8.07 -2.54
CA LYS A 20 -1.05 -9.40 -1.96
C LYS A 20 -2.12 -9.48 -0.87
N GLN A 21 -2.36 -8.37 -0.20
CA GLN A 21 -3.39 -8.34 0.84
C GLN A 21 -4.75 -7.98 0.24
N THR A 22 -4.86 -6.76 -0.23
CA THR A 22 -6.14 -6.21 -0.65
C THR A 22 -6.52 -6.62 -2.08
N GLY A 23 -5.59 -7.27 -2.79
CA GLY A 23 -5.88 -7.70 -4.15
C GLY A 23 -5.70 -6.58 -5.14
N CYS A 24 -6.61 -5.63 -5.12
CA CYS A 24 -6.52 -4.46 -5.98
C CYS A 24 -5.55 -3.45 -5.37
N PRO A 25 -4.50 -3.08 -6.12
CA PRO A 25 -3.43 -2.22 -5.63
C PRO A 25 -3.78 -0.74 -5.69
N ASN A 26 -4.73 -0.32 -4.88
CA ASN A 26 -5.09 1.09 -4.76
C ASN A 26 -4.29 1.70 -3.61
N ALA A 27 -3.01 1.90 -3.87
CA ALA A 27 -2.11 2.43 -2.86
C ALA A 27 -1.88 3.91 -3.06
N LYS A 28 -1.97 4.67 -1.99
CA LYS A 28 -1.73 6.10 -2.06
C LYS A 28 -0.52 6.49 -1.20
N CYS A 29 0.42 7.21 -1.82
CA CYS A 29 1.58 7.70 -1.09
C CYS A 29 1.25 9.00 -0.37
N ILE A 30 0.88 8.88 0.89
CA ILE A 30 0.76 10.02 1.79
C ILE A 30 2.15 10.28 2.36
N ASN A 31 2.34 11.44 3.00
CA ASN A 31 3.62 11.80 3.62
C ASN A 31 4.27 10.61 4.33
N LYS A 32 5.20 9.97 3.62
CA LYS A 32 5.96 8.82 4.11
C LYS A 32 5.05 7.66 4.53
N SER A 33 3.87 7.58 3.95
CA SER A 33 2.89 6.57 4.35
C SER A 33 2.10 6.04 3.16
N CYS A 34 2.38 4.81 2.76
CA CYS A 34 1.58 4.14 1.74
C CYS A 34 0.30 3.61 2.35
N LYS A 35 -0.81 3.91 1.71
CA LYS A 35 -2.08 3.35 2.11
C LYS A 35 -2.49 2.26 1.13
N CYS A 36 -2.39 1.01 1.55
CA CYS A 36 -2.74 -0.13 0.72
C CYS A 36 -4.24 -0.41 0.74
N TYR A 37 -4.97 0.23 -0.13
CA TYR A 37 -6.38 0.00 -0.21
C TYR A 37 -6.71 -0.69 -1.52
N GLY A 38 -7.86 -1.31 -1.59
CA GLY A 38 -8.23 -1.99 -2.81
C GLY A 38 -9.71 -2.25 -2.90
N CYS A 39 -10.05 -3.42 -3.40
CA CYS A 39 -11.43 -3.81 -3.63
C CYS A 39 -11.94 -4.67 -2.48
N GLY A 1 -11.95 -3.32 3.67
CA GLY A 1 -10.78 -2.42 3.75
C GLY A 1 -9.67 -3.00 4.60
N VAL A 2 -8.61 -3.44 3.96
CA VAL A 2 -7.45 -3.97 4.67
C VAL A 2 -6.46 -2.84 4.97
N PRO A 3 -6.11 -2.64 6.24
CA PRO A 3 -5.19 -1.59 6.65
C PRO A 3 -3.73 -2.06 6.61
N ILE A 4 -3.00 -1.66 5.58
CA ILE A 4 -1.60 -2.01 5.46
C ILE A 4 -0.73 -0.83 5.90
N ASN A 5 -0.17 -0.94 7.10
CA ASN A 5 0.67 0.11 7.65
C ASN A 5 2.13 -0.16 7.30
N VAL A 6 2.47 0.13 6.06
CA VAL A 6 3.79 -0.15 5.54
C VAL A 6 4.56 1.15 5.32
N SER A 7 5.88 1.04 5.14
CA SER A 7 6.73 2.20 4.89
C SER A 7 6.36 2.92 3.59
N CYS A 8 7.13 3.92 3.23
CA CYS A 8 6.87 4.69 2.03
C CYS A 8 8.18 4.90 1.30
N THR A 9 8.79 3.80 0.89
CA THR A 9 10.05 3.86 0.18
C THR A 9 9.78 4.02 -1.31
N GLY A 10 9.57 2.91 -1.99
CA GLY A 10 9.19 2.96 -3.39
C GLY A 10 7.71 2.68 -3.57
N SER A 11 7.24 2.77 -4.80
CA SER A 11 5.88 2.38 -5.13
C SER A 11 5.71 0.87 -4.99
N LYS A 12 6.77 0.12 -5.29
CA LYS A 12 6.74 -1.34 -5.17
C LYS A 12 6.71 -1.74 -3.70
N ASP A 13 7.35 -0.91 -2.88
CA ASP A 13 7.34 -1.07 -1.42
C ASP A 13 5.89 -1.05 -0.93
N CYS A 14 5.03 -0.38 -1.69
CA CYS A 14 3.60 -0.40 -1.44
C CYS A 14 2.96 -1.59 -2.15
N TYR A 15 3.21 -1.70 -3.45
CA TYR A 15 2.51 -2.64 -4.31
C TYR A 15 2.57 -4.08 -3.83
N ALA A 16 3.67 -4.51 -3.23
CA ALA A 16 3.77 -5.87 -2.73
C ALA A 16 2.75 -6.11 -1.60
N PRO A 17 2.82 -5.36 -0.48
CA PRO A 17 1.79 -5.43 0.58
C PRO A 17 0.39 -5.20 0.03
N CYS A 18 0.25 -4.18 -0.81
CA CYS A 18 -1.04 -3.84 -1.40
C CYS A 18 -1.63 -5.02 -2.14
N ARG A 19 -0.94 -5.47 -3.17
CA ARG A 19 -1.46 -6.51 -4.05
C ARG A 19 -1.77 -7.78 -3.26
N LYS A 20 -0.88 -8.19 -2.38
CA LYS A 20 -1.07 -9.42 -1.63
C LYS A 20 -2.20 -9.32 -0.61
N GLN A 21 -2.43 -8.14 -0.07
CA GLN A 21 -3.49 -7.96 0.92
C GLN A 21 -4.82 -7.58 0.27
N THR A 22 -4.82 -6.50 -0.49
CA THR A 22 -6.05 -5.96 -1.04
C THR A 22 -6.44 -6.66 -2.34
N GLY A 23 -5.45 -7.26 -3.02
CA GLY A 23 -5.70 -7.80 -4.34
C GLY A 23 -5.78 -6.69 -5.37
N CYS A 24 -6.68 -5.75 -5.12
CA CYS A 24 -6.81 -4.56 -5.92
C CYS A 24 -5.92 -3.46 -5.31
N PRO A 25 -4.79 -3.17 -5.95
CA PRO A 25 -3.76 -2.32 -5.38
C PRO A 25 -3.93 -0.83 -5.70
N ASN A 26 -4.86 -0.18 -5.01
CA ASN A 26 -4.95 1.27 -5.07
C ASN A 26 -4.19 1.84 -3.88
N ALA A 27 -2.91 2.11 -4.09
CA ALA A 27 -2.01 2.50 -3.02
C ALA A 27 -1.75 4.00 -3.03
N LYS A 28 -1.44 4.52 -1.85
CA LYS A 28 -1.04 5.91 -1.69
C LYS A 28 0.09 6.01 -0.69
N CYS A 29 1.26 6.39 -1.18
CA CYS A 29 2.46 6.45 -0.36
C CYS A 29 2.49 7.77 0.41
N ILE A 30 2.04 7.75 1.65
CA ILE A 30 2.12 8.94 2.48
C ILE A 30 3.53 9.03 3.05
N ASN A 31 4.06 10.23 3.17
CA ASN A 31 5.46 10.48 3.54
C ASN A 31 6.03 9.48 4.55
N LYS A 32 5.30 9.20 5.63
CA LYS A 32 5.81 8.32 6.67
C LYS A 32 5.17 6.92 6.64
N SER A 33 4.16 6.72 5.80
CA SER A 33 3.50 5.43 5.71
C SER A 33 2.70 5.30 4.41
N CYS A 34 2.82 4.18 3.75
CA CYS A 34 2.04 3.92 2.56
C CYS A 34 0.80 3.10 2.92
N LYS A 35 -0.30 3.34 2.22
CA LYS A 35 -1.54 2.64 2.49
C LYS A 35 -2.04 1.90 1.26
N CYS A 36 -2.73 0.80 1.49
CA CYS A 36 -3.22 -0.05 0.41
C CYS A 36 -4.73 -0.23 0.52
N TYR A 37 -5.46 0.22 -0.49
CA TYR A 37 -6.90 0.06 -0.52
C TYR A 37 -7.32 -0.55 -1.84
N GLY A 38 -8.26 -1.46 -1.81
CA GLY A 38 -8.72 -2.06 -3.04
C GLY A 38 -10.05 -2.75 -2.89
N CYS A 39 -9.99 -4.06 -2.72
CA CYS A 39 -11.18 -4.87 -2.65
C CYS A 39 -11.21 -5.66 -1.35
N GLY A 1 -10.34 -3.84 3.01
CA GLY A 1 -9.50 -4.51 4.03
C GLY A 1 -9.02 -3.53 5.07
N VAL A 2 -7.93 -3.87 5.75
CA VAL A 2 -7.36 -2.99 6.77
C VAL A 2 -6.33 -2.07 6.14
N PRO A 3 -6.04 -0.93 6.79
CA PRO A 3 -5.12 0.08 6.27
C PRO A 3 -3.67 -0.38 6.39
N ILE A 4 -3.15 -0.95 5.32
CA ILE A 4 -1.77 -1.40 5.30
C ILE A 4 -0.83 -0.23 5.06
N ASN A 5 -0.32 0.32 6.16
CA ASN A 5 0.57 1.47 6.11
C ASN A 5 2.00 1.01 5.88
N VAL A 6 2.51 1.26 4.69
CA VAL A 6 3.86 0.88 4.30
C VAL A 6 4.68 2.16 4.11
N SER A 7 6.00 2.02 4.03
CA SER A 7 6.87 3.16 3.79
C SER A 7 6.61 3.75 2.40
N CYS A 8 6.38 5.06 2.35
CA CYS A 8 6.13 5.76 1.11
C CYS A 8 7.46 6.05 0.40
N THR A 9 8.39 5.15 0.57
CA THR A 9 9.66 5.21 -0.12
C THR A 9 9.56 4.50 -1.47
N GLY A 10 9.28 3.22 -1.42
CA GLY A 10 9.07 2.46 -2.64
C GLY A 10 7.59 2.23 -2.92
N SER A 11 7.05 2.91 -3.92
CA SER A 11 5.66 2.73 -4.31
C SER A 11 5.38 1.27 -4.68
N LYS A 12 6.30 0.63 -5.39
CA LYS A 12 6.16 -0.78 -5.75
C LYS A 12 6.32 -1.66 -4.51
N ASP A 13 7.25 -1.28 -3.63
CA ASP A 13 7.43 -1.95 -2.35
C ASP A 13 6.13 -1.92 -1.56
N CYS A 14 5.37 -0.84 -1.74
CA CYS A 14 4.04 -0.71 -1.16
C CYS A 14 3.03 -1.57 -1.91
N TYR A 15 3.11 -1.52 -3.24
CA TYR A 15 2.19 -2.25 -4.12
C TYR A 15 2.15 -3.73 -3.79
N ALA A 16 3.28 -4.29 -3.36
CA ALA A 16 3.34 -5.71 -3.00
C ALA A 16 2.34 -6.05 -1.87
N PRO A 17 2.48 -5.48 -0.65
CA PRO A 17 1.49 -5.64 0.42
C PRO A 17 0.07 -5.36 -0.05
N CYS A 18 -0.08 -4.30 -0.84
CA CYS A 18 -1.40 -3.91 -1.36
C CYS A 18 -2.04 -5.08 -2.12
N ARG A 19 -1.31 -5.62 -3.09
CA ARG A 19 -1.81 -6.70 -3.93
C ARG A 19 -2.06 -7.94 -3.10
N LYS A 20 -1.07 -8.32 -2.30
CA LYS A 20 -1.12 -9.56 -1.55
C LYS A 20 -2.34 -9.62 -0.64
N GLN A 21 -2.65 -8.52 0.04
CA GLN A 21 -3.82 -8.50 0.89
C GLN A 21 -5.05 -8.03 0.14
N THR A 22 -5.04 -6.76 -0.25
CA THR A 22 -6.23 -6.11 -0.78
C THR A 22 -6.47 -6.41 -2.25
N GLY A 23 -5.55 -7.12 -2.89
CA GLY A 23 -5.73 -7.52 -4.26
C GLY A 23 -5.28 -6.46 -5.23
N CYS A 24 -5.94 -5.32 -5.22
CA CYS A 24 -5.57 -4.20 -6.09
C CYS A 24 -4.45 -3.40 -5.44
N PRO A 25 -3.46 -2.99 -6.24
CA PRO A 25 -2.38 -2.13 -5.78
C PRO A 25 -2.82 -0.66 -5.70
N ASN A 26 -3.90 -0.40 -4.98
CA ASN A 26 -4.40 0.96 -4.83
C ASN A 26 -3.74 1.59 -3.61
N ALA A 27 -2.44 1.83 -3.73
CA ALA A 27 -1.67 2.37 -2.64
C ALA A 27 -1.57 3.88 -2.76
N LYS A 28 -2.16 4.57 -1.82
CA LYS A 28 -2.08 6.02 -1.77
C LYS A 28 -0.86 6.42 -0.96
N CYS A 29 0.19 6.80 -1.68
CA CYS A 29 1.48 7.10 -1.05
C CYS A 29 1.46 8.52 -0.49
N ILE A 30 1.18 8.64 0.79
CA ILE A 30 1.19 9.93 1.46
C ILE A 30 2.59 10.16 1.99
N ASN A 31 3.03 11.42 1.98
CA ASN A 31 4.43 11.78 2.25
C ASN A 31 4.94 11.21 3.57
N LYS A 32 4.03 10.86 4.45
CA LYS A 32 4.40 10.25 5.73
C LYS A 32 4.44 8.73 5.60
N SER A 33 3.45 8.17 4.89
CA SER A 33 3.33 6.73 4.73
C SER A 33 2.41 6.39 3.55
N CYS A 34 2.62 5.25 2.94
CA CYS A 34 1.76 4.82 1.85
C CYS A 34 0.72 3.85 2.41
N LYS A 35 -0.51 3.95 1.96
CA LYS A 35 -1.57 3.11 2.49
C LYS A 35 -2.16 2.22 1.40
N CYS A 36 -2.12 0.92 1.64
CA CYS A 36 -2.61 -0.07 0.70
C CYS A 36 -4.12 -0.22 0.74
N TYR A 37 -4.75 -0.05 -0.40
CA TYR A 37 -6.16 -0.30 -0.56
C TYR A 37 -6.40 -1.03 -1.86
N GLY A 38 -7.61 -1.53 -2.06
CA GLY A 38 -7.89 -2.30 -3.25
C GLY A 38 -9.34 -2.21 -3.68
N CYS A 39 -9.75 -3.11 -4.54
CA CYS A 39 -11.08 -3.10 -5.09
C CYS A 39 -11.93 -4.19 -4.42
N GLY A 1 -3.45 -7.14 12.44
CA GLY A 1 -4.45 -6.32 11.72
C GLY A 1 -4.24 -6.36 10.22
N VAL A 2 -5.34 -6.29 9.47
CA VAL A 2 -5.27 -6.28 8.02
C VAL A 2 -4.66 -4.97 7.47
N PRO A 3 -5.19 -3.78 7.91
CA PRO A 3 -4.68 -2.46 7.53
C PRO A 3 -3.19 -2.46 7.20
N ILE A 4 -2.90 -2.16 5.95
CA ILE A 4 -1.55 -2.26 5.42
C ILE A 4 -0.82 -0.94 5.57
N ASN A 5 0.03 -0.86 6.60
CA ASN A 5 0.85 0.32 6.82
C ASN A 5 2.20 0.16 6.11
N VAL A 6 2.43 1.02 5.12
CA VAL A 6 3.63 0.92 4.30
C VAL A 6 4.44 2.23 4.37
N SER A 7 5.74 2.11 4.18
CA SER A 7 6.60 3.28 4.08
C SER A 7 6.66 3.73 2.62
N CYS A 8 6.73 5.03 2.40
CA CYS A 8 6.64 5.58 1.05
C CYS A 8 8.03 5.85 0.49
N THR A 9 8.96 4.98 0.80
CA THR A 9 10.27 5.05 0.19
C THR A 9 10.26 4.23 -1.10
N GLY A 10 9.80 2.99 -1.00
CA GLY A 10 9.58 2.18 -2.18
C GLY A 10 8.11 2.11 -2.53
N SER A 11 7.71 2.76 -3.61
CA SER A 11 6.33 2.70 -4.07
C SER A 11 5.96 1.28 -4.52
N LYS A 12 6.94 0.55 -5.01
CA LYS A 12 6.72 -0.83 -5.40
C LYS A 12 6.57 -1.69 -4.14
N ASP A 13 7.31 -1.30 -3.10
CA ASP A 13 7.19 -1.93 -1.79
C ASP A 13 5.82 -1.63 -1.18
N CYS A 14 5.13 -0.64 -1.73
CA CYS A 14 3.71 -0.45 -1.44
C CYS A 14 2.86 -1.42 -2.23
N TYR A 15 3.06 -1.44 -3.55
CA TYR A 15 2.23 -2.23 -4.45
C TYR A 15 2.21 -3.72 -4.08
N ALA A 16 3.33 -4.24 -3.58
CA ALA A 16 3.37 -5.64 -3.19
C ALA A 16 2.35 -5.96 -2.08
N PRO A 17 2.44 -5.32 -0.89
CA PRO A 17 1.41 -5.43 0.16
C PRO A 17 0.01 -5.16 -0.35
N CYS A 18 -0.13 -4.11 -1.17
CA CYS A 18 -1.42 -3.74 -1.72
C CYS A 18 -2.04 -4.91 -2.47
N ARG A 19 -1.29 -5.48 -3.41
CA ARG A 19 -1.73 -6.62 -4.20
C ARG A 19 -1.93 -7.85 -3.30
N LYS A 20 -0.90 -8.19 -2.54
CA LYS A 20 -0.90 -9.38 -1.71
C LYS A 20 -2.07 -9.40 -0.73
N GLN A 21 -2.27 -8.29 -0.04
CA GLN A 21 -3.31 -8.21 0.99
C GLN A 21 -4.66 -7.86 0.40
N THR A 22 -4.75 -6.71 -0.24
CA THR A 22 -6.03 -6.17 -0.67
C THR A 22 -6.49 -6.71 -2.02
N GLY A 23 -5.59 -7.39 -2.74
CA GLY A 23 -5.94 -7.90 -4.04
C GLY A 23 -5.82 -6.85 -5.11
N CYS A 24 -6.66 -5.82 -5.04
CA CYS A 24 -6.60 -4.72 -5.98
C CYS A 24 -5.57 -3.70 -5.52
N PRO A 25 -4.64 -3.33 -6.40
CA PRO A 25 -3.55 -2.41 -6.05
C PRO A 25 -3.98 -0.94 -6.07
N ASN A 26 -4.73 -0.51 -5.07
CA ASN A 26 -5.07 0.89 -4.92
C ASN A 26 -4.21 1.50 -3.82
N ALA A 27 -3.01 1.90 -4.20
CA ALA A 27 -2.02 2.35 -3.24
C ALA A 27 -1.95 3.88 -3.21
N LYS A 28 -1.83 4.40 -1.99
CA LYS A 28 -1.69 5.84 -1.80
C LYS A 28 -0.36 6.13 -1.10
N CYS A 29 0.68 6.35 -1.88
CA CYS A 29 2.01 6.60 -1.34
C CYS A 29 2.15 8.09 -1.00
N ILE A 30 1.90 8.44 0.25
CA ILE A 30 2.14 9.80 0.73
C ILE A 30 3.54 9.87 1.30
N ASN A 31 4.24 10.97 1.07
CA ASN A 31 5.66 11.10 1.41
C ASN A 31 6.01 10.52 2.79
N LYS A 32 5.15 10.75 3.78
CA LYS A 32 5.42 10.31 5.13
C LYS A 32 4.78 8.95 5.44
N SER A 33 3.81 8.53 4.64
CA SER A 33 3.08 7.29 4.91
C SER A 33 2.44 6.73 3.65
N CYS A 34 2.66 5.44 3.38
CA CYS A 34 2.06 4.79 2.23
C CYS A 34 0.95 3.84 2.71
N LYS A 35 -0.18 3.88 2.04
CA LYS A 35 -1.33 3.05 2.43
C LYS A 35 -1.79 2.16 1.28
N CYS A 36 -2.21 0.95 1.62
CA CYS A 36 -2.74 0.01 0.64
C CYS A 36 -4.24 -0.16 0.78
N TYR A 37 -4.94 0.00 -0.32
CA TYR A 37 -6.38 -0.21 -0.35
C TYR A 37 -6.74 -0.99 -1.60
N GLY A 38 -7.96 -1.50 -1.62
CA GLY A 38 -8.39 -2.34 -2.71
C GLY A 38 -9.55 -1.75 -3.48
N CYS A 39 -10.27 -2.62 -4.18
CA CYS A 39 -11.34 -2.19 -5.05
C CYS A 39 -12.61 -2.98 -4.73
N GLY A 1 -9.22 -0.01 12.02
CA GLY A 1 -8.01 0.34 11.27
C GLY A 1 -7.39 -0.86 10.57
N VAL A 2 -7.24 -0.77 9.26
CA VAL A 2 -6.56 -1.82 8.51
C VAL A 2 -5.07 -1.50 8.39
N PRO A 3 -4.22 -2.41 8.88
CA PRO A 3 -2.79 -2.15 9.04
C PRO A 3 -1.94 -2.55 7.83
N ILE A 4 -2.28 -2.03 6.67
CA ILE A 4 -1.42 -2.19 5.49
C ILE A 4 -0.40 -1.06 5.47
N ASN A 5 0.40 -1.00 6.51
CA ASN A 5 1.35 0.09 6.71
C ASN A 5 2.67 -0.20 6.02
N VAL A 6 2.97 0.59 5.00
CA VAL A 6 4.25 0.52 4.32
C VAL A 6 4.91 1.89 4.34
N SER A 7 6.22 1.93 4.54
CA SER A 7 6.94 3.20 4.50
C SER A 7 6.87 3.80 3.09
N CYS A 8 6.84 5.12 3.02
CA CYS A 8 6.52 5.80 1.78
C CYS A 8 7.80 6.09 0.98
N THR A 9 8.73 5.17 1.06
CA THR A 9 9.96 5.27 0.29
C THR A 9 9.78 4.59 -1.06
N GLY A 10 9.44 3.31 -1.04
CA GLY A 10 9.21 2.57 -2.26
C GLY A 10 7.74 2.40 -2.57
N SER A 11 7.28 3.00 -3.66
CA SER A 11 5.90 2.84 -4.08
C SER A 11 5.62 1.39 -4.50
N LYS A 12 6.50 0.82 -5.32
CA LYS A 12 6.34 -0.57 -5.75
C LYS A 12 6.49 -1.50 -4.55
N ASP A 13 7.40 -1.11 -3.65
CA ASP A 13 7.62 -1.83 -2.41
C ASP A 13 6.35 -1.85 -1.58
N CYS A 14 5.51 -0.84 -1.80
CA CYS A 14 4.20 -0.77 -1.15
C CYS A 14 3.17 -1.59 -1.92
N TYR A 15 3.23 -1.51 -3.25
CA TYR A 15 2.26 -2.21 -4.11
C TYR A 15 2.28 -3.71 -3.90
N ALA A 16 3.44 -4.28 -3.58
CA ALA A 16 3.52 -5.72 -3.31
C ALA A 16 2.57 -6.11 -2.14
N PRO A 17 2.72 -5.53 -0.93
CA PRO A 17 1.74 -5.70 0.17
C PRO A 17 0.32 -5.40 -0.27
N CYS A 18 0.15 -4.31 -1.02
CA CYS A 18 -1.17 -3.90 -1.51
C CYS A 18 -1.88 -5.03 -2.22
N ARG A 19 -1.21 -5.63 -3.19
CA ARG A 19 -1.80 -6.69 -3.99
C ARG A 19 -2.02 -7.94 -3.14
N LYS A 20 -1.01 -8.30 -2.36
CA LYS A 20 -1.07 -9.51 -1.55
C LYS A 20 -2.19 -9.45 -0.51
N GLN A 21 -2.35 -8.29 0.11
CA GLN A 21 -3.36 -8.11 1.15
C GLN A 21 -4.74 -7.82 0.56
N THR A 22 -4.85 -6.70 -0.12
CA THR A 22 -6.12 -6.19 -0.57
C THR A 22 -6.58 -6.85 -1.87
N GLY A 23 -5.64 -7.42 -2.63
CA GLY A 23 -5.99 -7.98 -3.93
C GLY A 23 -5.98 -6.92 -5.00
N CYS A 24 -6.79 -5.89 -4.81
CA CYS A 24 -6.78 -4.74 -5.69
C CYS A 24 -5.78 -3.71 -5.16
N PRO A 25 -4.63 -3.57 -5.82
CA PRO A 25 -3.52 -2.79 -5.31
C PRO A 25 -3.48 -1.34 -5.80
N ASN A 26 -4.17 -0.45 -5.10
CA ASN A 26 -4.00 0.98 -5.35
C ASN A 26 -3.52 1.67 -4.08
N ALA A 27 -2.22 1.88 -4.01
CA ALA A 27 -1.60 2.42 -2.81
C ALA A 27 -1.54 3.93 -2.85
N LYS A 28 -1.96 4.54 -1.76
CA LYS A 28 -1.83 5.98 -1.58
C LYS A 28 -0.65 6.24 -0.67
N CYS A 29 0.47 6.64 -1.25
CA CYS A 29 1.68 6.85 -0.47
C CYS A 29 1.61 8.19 0.23
N ILE A 30 1.19 8.16 1.49
CA ILE A 30 1.13 9.38 2.29
C ILE A 30 2.49 9.60 2.94
N ASN A 31 2.85 10.85 3.15
CA ASN A 31 4.17 11.24 3.66
C ASN A 31 4.69 10.30 4.77
N LYS A 32 3.85 9.99 5.74
CA LYS A 32 4.26 9.14 6.85
C LYS A 32 4.02 7.65 6.60
N SER A 33 3.10 7.33 5.70
CA SER A 33 2.68 5.95 5.52
C SER A 33 2.01 5.72 4.17
N CYS A 34 2.44 4.69 3.47
CA CYS A 34 1.77 4.26 2.25
C CYS A 34 0.62 3.35 2.62
N LYS A 35 -0.56 3.61 2.08
CA LYS A 35 -1.76 2.86 2.44
C LYS A 35 -2.35 2.14 1.24
N CYS A 36 -2.43 0.83 1.34
CA CYS A 36 -2.93 -0.02 0.27
C CYS A 36 -4.45 -0.09 0.28
N TYR A 37 -5.08 0.45 -0.76
CA TYR A 37 -6.53 0.42 -0.87
C TYR A 37 -6.96 -0.09 -2.23
N GLY A 38 -8.06 -0.82 -2.25
CA GLY A 38 -8.59 -1.32 -3.50
C GLY A 38 -10.03 -1.73 -3.38
N CYS A 39 -10.24 -3.02 -3.19
CA CYS A 39 -11.57 -3.58 -3.06
C CYS A 39 -11.83 -3.96 -1.61
N GLY A 1 -5.54 -1.90 13.98
CA GLY A 1 -5.67 -1.23 12.68
C GLY A 1 -5.53 -2.19 11.51
N VAL A 2 -5.64 -1.67 10.30
CA VAL A 2 -5.52 -2.49 9.11
C VAL A 2 -4.06 -2.89 8.86
N PRO A 3 -3.81 -4.17 8.56
CA PRO A 3 -2.47 -4.74 8.45
C PRO A 3 -1.76 -4.42 7.13
N ILE A 4 -1.76 -3.16 6.75
CA ILE A 4 -0.99 -2.71 5.59
C ILE A 4 -0.19 -1.47 5.93
N ASN A 5 0.68 -1.60 6.92
CA ASN A 5 1.58 -0.52 7.31
C ASN A 5 2.80 -0.52 6.40
N VAL A 6 2.80 0.33 5.40
CA VAL A 6 3.88 0.41 4.44
C VAL A 6 4.53 1.79 4.46
N SER A 7 5.84 1.82 4.34
CA SER A 7 6.57 3.07 4.26
C SER A 7 6.52 3.60 2.83
N CYS A 8 6.58 4.92 2.70
CA CYS A 8 6.45 5.56 1.39
C CYS A 8 7.82 5.71 0.76
N THR A 9 8.60 4.66 0.88
CA THR A 9 9.92 4.63 0.30
C THR A 9 9.85 4.15 -1.14
N GLY A 10 9.51 2.88 -1.33
CA GLY A 10 9.33 2.36 -2.66
C GLY A 10 7.87 2.21 -3.03
N SER A 11 7.48 2.76 -4.17
CA SER A 11 6.15 2.52 -4.72
C SER A 11 5.94 1.02 -4.95
N LYS A 12 7.02 0.35 -5.36
CA LYS A 12 7.02 -1.11 -5.51
C LYS A 12 6.79 -1.77 -4.15
N ASP A 13 7.43 -1.20 -3.13
CA ASP A 13 7.32 -1.70 -1.76
C ASP A 13 5.91 -1.54 -1.24
N CYS A 14 5.18 -0.59 -1.82
CA CYS A 14 3.76 -0.46 -1.54
C CYS A 14 2.96 -1.50 -2.30
N TYR A 15 3.24 -1.62 -3.60
CA TYR A 15 2.48 -2.50 -4.49
C TYR A 15 2.42 -3.93 -3.98
N ALA A 16 3.54 -4.44 -3.46
CA ALA A 16 3.58 -5.82 -2.98
C ALA A 16 2.52 -6.08 -1.87
N PRO A 17 2.58 -5.37 -0.71
CA PRO A 17 1.54 -5.49 0.33
C PRO A 17 0.14 -5.20 -0.18
N CYS A 18 0.02 -4.19 -1.03
CA CYS A 18 -1.27 -3.80 -1.59
C CYS A 18 -1.93 -4.96 -2.32
N ARG A 19 -1.15 -5.63 -3.16
CA ARG A 19 -1.64 -6.77 -3.93
C ARG A 19 -1.87 -7.97 -3.02
N LYS A 20 -0.88 -8.27 -2.18
CA LYS A 20 -0.93 -9.44 -1.31
C LYS A 20 -2.12 -9.38 -0.35
N GLN A 21 -2.41 -8.19 0.15
CA GLN A 21 -3.51 -8.00 1.07
C GLN A 21 -4.83 -7.75 0.33
N THR A 22 -4.90 -6.64 -0.38
CA THR A 22 -6.15 -6.17 -0.94
C THR A 22 -6.41 -6.69 -2.35
N GLY A 23 -5.40 -7.28 -2.98
CA GLY A 23 -5.55 -7.75 -4.35
C GLY A 23 -5.52 -6.61 -5.34
N CYS A 24 -6.48 -5.71 -5.22
CA CYS A 24 -6.55 -4.53 -6.07
C CYS A 24 -5.58 -3.47 -5.55
N PRO A 25 -4.72 -2.94 -6.42
CA PRO A 25 -3.70 -1.97 -6.05
C PRO A 25 -4.19 -0.52 -6.10
N ASN A 26 -4.82 -0.07 -5.03
CA ASN A 26 -5.13 1.35 -4.84
C ASN A 26 -4.33 1.88 -3.66
N ALA A 27 -3.06 2.14 -3.92
CA ALA A 27 -2.16 2.59 -2.88
C ALA A 27 -1.95 4.08 -2.93
N LYS A 28 -1.98 4.72 -1.78
CA LYS A 28 -1.66 6.12 -1.70
C LYS A 28 -0.41 6.29 -0.86
N CYS A 29 0.68 6.61 -1.54
CA CYS A 29 1.98 6.75 -0.90
C CYS A 29 2.10 8.14 -0.27
N ILE A 30 1.79 8.24 1.01
CA ILE A 30 2.02 9.46 1.75
C ILE A 30 3.35 9.30 2.48
N ASN A 31 4.15 10.36 2.50
CA ASN A 31 5.53 10.31 3.02
C ASN A 31 5.64 9.51 4.32
N LYS A 32 4.76 9.78 5.28
CA LYS A 32 4.79 9.07 6.55
C LYS A 32 4.15 7.68 6.43
N SER A 33 3.15 7.54 5.57
CA SER A 33 2.38 6.31 5.50
C SER A 33 1.92 6.00 4.07
N CYS A 34 2.35 4.85 3.57
CA CYS A 34 1.84 4.36 2.30
C CYS A 34 0.72 3.38 2.60
N LYS A 35 -0.50 3.70 2.17
CA LYS A 35 -1.65 2.90 2.53
C LYS A 35 -2.17 2.09 1.35
N CYS A 36 -2.33 0.80 1.58
CA CYS A 36 -2.83 -0.13 0.58
C CYS A 36 -4.32 -0.33 0.69
N TYR A 37 -5.05 0.13 -0.32
CA TYR A 37 -6.48 -0.11 -0.40
C TYR A 37 -6.80 -0.77 -1.72
N GLY A 38 -7.92 -1.44 -1.80
CA GLY A 38 -8.29 -2.11 -3.03
C GLY A 38 -9.75 -2.45 -3.09
N CYS A 39 -10.03 -3.74 -3.10
CA CYS A 39 -11.39 -4.23 -3.19
C CYS A 39 -11.75 -5.02 -1.94
N GLY A 1 -10.33 -1.42 3.34
CA GLY A 1 -8.90 -1.07 3.14
C GLY A 1 -8.03 -1.58 4.27
N VAL A 2 -7.19 -2.55 3.97
CA VAL A 2 -6.37 -3.19 4.98
C VAL A 2 -5.33 -2.21 5.53
N PRO A 3 -5.39 -1.93 6.85
CA PRO A 3 -4.49 -0.98 7.50
C PRO A 3 -3.07 -1.51 7.61
N ILE A 4 -2.33 -1.44 6.51
CA ILE A 4 -0.95 -1.89 6.47
C ILE A 4 -0.01 -0.73 6.83
N ASN A 5 0.84 -0.97 7.81
CA ASN A 5 1.76 0.04 8.30
C ASN A 5 3.09 -0.03 7.55
N VAL A 6 3.00 0.04 6.24
CA VAL A 6 4.16 -0.09 5.38
C VAL A 6 4.74 1.29 5.03
N SER A 7 6.07 1.34 4.99
CA SER A 7 6.79 2.57 4.66
C SER A 7 6.56 2.97 3.20
N CYS A 8 6.98 4.18 2.85
CA CYS A 8 6.77 4.68 1.51
C CYS A 8 8.08 5.18 0.93
N THR A 9 9.06 4.30 0.90
CA THR A 9 10.32 4.58 0.26
C THR A 9 10.24 4.19 -1.21
N GLY A 10 9.98 2.92 -1.47
CA GLY A 10 9.78 2.46 -2.82
C GLY A 10 8.32 2.25 -3.16
N SER A 11 7.89 2.76 -4.29
CA SER A 11 6.54 2.51 -4.80
C SER A 11 6.24 1.02 -4.89
N LYS A 12 7.22 0.23 -5.33
CA LYS A 12 7.05 -1.22 -5.43
C LYS A 12 6.85 -1.84 -4.06
N ASP A 13 7.49 -1.24 -3.05
CA ASP A 13 7.36 -1.71 -1.67
C ASP A 13 6.00 -1.36 -1.12
N CYS A 14 5.27 -0.53 -1.85
CA CYS A 14 3.89 -0.20 -1.53
C CYS A 14 2.96 -1.18 -2.25
N TYR A 15 3.15 -1.29 -3.56
CA TYR A 15 2.33 -2.14 -4.41
C TYR A 15 2.31 -3.59 -3.93
N ALA A 16 3.46 -4.11 -3.50
CA ALA A 16 3.55 -5.50 -3.06
C ALA A 16 2.59 -5.77 -1.88
N PRO A 17 2.73 -5.08 -0.73
CA PRO A 17 1.78 -5.20 0.39
C PRO A 17 0.33 -5.03 -0.07
N CYS A 18 0.08 -3.98 -0.82
CA CYS A 18 -1.28 -3.64 -1.22
C CYS A 18 -1.89 -4.74 -2.09
N ARG A 19 -1.12 -5.23 -3.06
CA ARG A 19 -1.60 -6.26 -3.98
C ARG A 19 -1.88 -7.55 -3.22
N LYS A 20 -0.94 -7.95 -2.37
CA LYS A 20 -1.07 -9.19 -1.61
C LYS A 20 -2.26 -9.11 -0.64
N GLN A 21 -2.37 -8.00 0.06
CA GLN A 21 -3.37 -7.86 1.11
C GLN A 21 -4.78 -7.71 0.56
N THR A 22 -5.00 -6.75 -0.33
CA THR A 22 -6.36 -6.43 -0.75
C THR A 22 -6.63 -6.79 -2.23
N GLY A 23 -5.64 -7.34 -2.91
CA GLY A 23 -5.84 -7.74 -4.29
C GLY A 23 -5.67 -6.58 -5.26
N CYS A 24 -6.65 -5.68 -5.26
CA CYS A 24 -6.61 -4.51 -6.13
C CYS A 24 -5.67 -3.46 -5.54
N PRO A 25 -4.57 -3.15 -6.24
CA PRO A 25 -3.52 -2.28 -5.72
C PRO A 25 -3.87 -0.80 -5.83
N ASN A 26 -4.80 -0.34 -5.01
CA ASN A 26 -5.06 1.09 -4.87
C ASN A 26 -4.20 1.61 -3.73
N ALA A 27 -2.93 1.76 -4.02
CA ALA A 27 -1.94 2.10 -3.02
C ALA A 27 -1.69 3.59 -2.97
N LYS A 28 -2.03 4.20 -1.87
CA LYS A 28 -1.75 5.62 -1.67
C LYS A 28 -0.43 5.76 -0.92
N CYS A 29 0.67 5.70 -1.66
CA CYS A 29 1.98 5.83 -1.06
C CYS A 29 2.28 7.29 -0.79
N ILE A 30 1.97 7.74 0.42
CA ILE A 30 2.19 9.11 0.82
C ILE A 30 3.52 9.16 1.57
N ASN A 31 4.22 10.29 1.48
CA ASN A 31 5.58 10.42 2.02
C ASN A 31 5.59 10.33 3.56
N LYS A 32 5.32 9.13 4.05
CA LYS A 32 5.40 8.78 5.46
C LYS A 32 4.90 7.34 5.64
N SER A 33 3.92 6.96 4.82
CA SER A 33 3.34 5.62 4.88
C SER A 33 2.60 5.29 3.59
N CYS A 34 2.56 4.02 3.25
CA CYS A 34 1.84 3.55 2.08
C CYS A 34 0.48 2.99 2.51
N LYS A 35 -0.57 3.50 1.88
CA LYS A 35 -1.93 3.09 2.23
C LYS A 35 -2.45 2.06 1.23
N CYS A 36 -2.63 0.83 1.72
CA CYS A 36 -3.06 -0.28 0.86
C CYS A 36 -4.57 -0.44 0.86
N TYR A 37 -5.20 0.04 -0.20
CA TYR A 37 -6.64 -0.07 -0.35
C TYR A 37 -6.95 -0.78 -1.66
N GLY A 38 -8.08 -1.46 -1.71
CA GLY A 38 -8.39 -2.21 -2.90
C GLY A 38 -9.86 -2.25 -3.22
N CYS A 39 -10.32 -3.41 -3.65
CA CYS A 39 -11.68 -3.59 -4.13
C CYS A 39 -12.48 -4.46 -3.15
N GLY A 1 -9.28 -1.55 2.83
CA GLY A 1 -8.55 -0.48 3.56
C GLY A 1 -7.63 -1.03 4.63
N VAL A 2 -6.81 -2.01 4.24
CA VAL A 2 -5.89 -2.65 5.18
C VAL A 2 -4.77 -1.70 5.60
N PRO A 3 -4.53 -1.58 6.92
CA PRO A 3 -3.50 -0.70 7.46
C PRO A 3 -2.10 -1.27 7.26
N ILE A 4 -1.61 -1.19 6.03
CA ILE A 4 -0.25 -1.62 5.73
C ILE A 4 0.73 -0.49 6.04
N ASN A 5 1.74 -0.81 6.84
CA ASN A 5 2.68 0.20 7.34
C ASN A 5 3.90 0.34 6.44
N VAL A 6 3.69 0.80 5.21
CA VAL A 6 4.79 1.10 4.32
C VAL A 6 5.30 2.52 4.59
N SER A 7 6.62 2.69 4.64
CA SER A 7 7.21 3.97 5.00
C SER A 7 7.22 4.94 3.82
N CYS A 8 6.39 4.62 2.84
CA CYS A 8 6.27 5.40 1.62
C CYS A 8 7.63 5.57 0.95
N THR A 9 8.33 4.46 0.78
CA THR A 9 9.62 4.48 0.11
C THR A 9 9.43 4.34 -1.39
N GLY A 10 9.31 3.11 -1.85
CA GLY A 10 9.01 2.87 -3.23
C GLY A 10 7.55 2.54 -3.43
N SER A 11 7.00 2.95 -4.56
CA SER A 11 5.63 2.58 -4.92
C SER A 11 5.51 1.06 -4.98
N LYS A 12 6.56 0.40 -5.48
CA LYS A 12 6.60 -1.06 -5.54
C LYS A 12 6.51 -1.67 -4.15
N ASP A 13 7.26 -1.07 -3.21
CA ASP A 13 7.31 -1.54 -1.82
C ASP A 13 5.91 -1.54 -1.22
N CYS A 14 5.06 -0.66 -1.73
CA CYS A 14 3.70 -0.54 -1.23
C CYS A 14 2.78 -1.46 -2.04
N TYR A 15 2.97 -1.48 -3.35
CA TYR A 15 2.12 -2.26 -4.25
C TYR A 15 2.13 -3.74 -3.90
N ALA A 16 3.27 -4.26 -3.47
CA ALA A 16 3.36 -5.67 -3.09
C ALA A 16 2.39 -6.01 -1.95
N PRO A 17 2.50 -5.34 -0.77
CA PRO A 17 1.50 -5.48 0.32
C PRO A 17 0.06 -5.25 -0.16
N CYS A 18 -0.11 -4.23 -0.99
CA CYS A 18 -1.44 -3.87 -1.47
C CYS A 18 -2.09 -4.99 -2.26
N ARG A 19 -1.33 -5.59 -3.16
CA ARG A 19 -1.83 -6.70 -3.96
C ARG A 19 -2.01 -7.95 -3.10
N LYS A 20 -1.04 -8.22 -2.24
CA LYS A 20 -1.06 -9.40 -1.38
C LYS A 20 -2.29 -9.39 -0.47
N GLN A 21 -2.57 -8.25 0.14
CA GLN A 21 -3.71 -8.11 1.04
C GLN A 21 -5.01 -7.88 0.27
N THR A 22 -5.07 -6.75 -0.41
CA THR A 22 -6.30 -6.28 -0.99
C THR A 22 -6.59 -6.93 -2.35
N GLY A 23 -5.58 -7.50 -2.99
CA GLY A 23 -5.77 -8.11 -4.30
C GLY A 23 -5.67 -7.08 -5.41
N CYS A 24 -5.79 -5.82 -5.04
CA CYS A 24 -5.70 -4.71 -5.98
C CYS A 24 -4.78 -3.65 -5.39
N PRO A 25 -3.73 -3.24 -6.11
CA PRO A 25 -2.71 -2.34 -5.61
C PRO A 25 -3.04 -0.86 -5.82
N ASN A 26 -3.95 -0.34 -5.01
CA ASN A 26 -4.19 1.10 -4.99
C ASN A 26 -3.51 1.69 -3.76
N ALA A 27 -2.21 1.86 -3.87
CA ALA A 27 -1.41 2.36 -2.78
C ALA A 27 -1.34 3.88 -2.81
N LYS A 28 -1.70 4.49 -1.70
CA LYS A 28 -1.58 5.93 -1.57
C LYS A 28 -0.39 6.25 -0.69
N CYS A 29 0.65 6.79 -1.32
CA CYS A 29 1.91 7.02 -0.64
C CYS A 29 1.93 8.41 -0.01
N ILE A 30 1.48 8.49 1.24
CA ILE A 30 1.47 9.74 1.97
C ILE A 30 2.84 9.93 2.61
N ASN A 31 3.18 11.17 2.95
CA ASN A 31 4.45 11.51 3.60
C ASN A 31 4.82 10.53 4.70
N LYS A 32 5.69 9.57 4.33
CA LYS A 32 6.18 8.54 5.23
C LYS A 32 5.06 7.69 5.82
N SER A 33 4.00 7.54 5.04
CA SER A 33 2.87 6.69 5.40
C SER A 33 2.13 6.23 4.14
N CYS A 34 2.52 5.09 3.61
CA CYS A 34 1.84 4.54 2.44
C CYS A 34 0.78 3.56 2.91
N LYS A 35 -0.39 3.63 2.30
CA LYS A 35 -1.52 2.81 2.73
C LYS A 35 -2.07 2.01 1.56
N CYS A 36 -2.47 0.77 1.84
CA CYS A 36 -2.92 -0.14 0.79
C CYS A 36 -4.43 -0.20 0.70
N TYR A 37 -4.94 0.28 -0.41
CA TYR A 37 -6.35 0.21 -0.70
C TYR A 37 -6.54 -0.52 -2.01
N GLY A 38 -7.74 -0.96 -2.28
CA GLY A 38 -8.01 -1.70 -3.49
C GLY A 38 -9.09 -1.08 -4.33
N CYS A 39 -9.25 -1.59 -5.53
CA CYS A 39 -10.27 -1.12 -6.45
C CYS A 39 -11.58 -1.86 -6.19
N GLY A 1 -9.35 -1.58 9.03
CA GLY A 1 -9.40 -2.51 7.88
C GLY A 1 -8.01 -2.93 7.43
N VAL A 2 -7.33 -2.06 6.71
CA VAL A 2 -5.98 -2.33 6.23
C VAL A 2 -4.94 -1.87 7.25
N PRO A 3 -4.12 -2.80 7.76
CA PRO A 3 -3.08 -2.50 8.73
C PRO A 3 -1.72 -2.28 8.09
N ILE A 4 -1.73 -1.87 6.83
CA ILE A 4 -0.50 -1.68 6.08
C ILE A 4 -0.04 -0.22 6.15
N ASN A 5 0.46 0.19 7.31
CA ASN A 5 1.09 1.49 7.45
C ASN A 5 2.59 1.35 7.24
N VAL A 6 3.02 1.43 5.99
CA VAL A 6 4.42 1.21 5.64
C VAL A 6 5.02 2.48 5.05
N SER A 7 6.31 2.69 5.29
CA SER A 7 7.04 3.80 4.68
C SER A 7 7.01 3.66 3.16
N CYS A 8 6.78 4.77 2.45
CA CYS A 8 6.57 4.70 1.02
C CYS A 8 7.67 5.42 0.29
N THR A 9 8.86 4.92 0.47
CA THR A 9 9.98 5.34 -0.32
C THR A 9 10.02 4.55 -1.63
N GLY A 10 9.71 3.26 -1.51
CA GLY A 10 9.57 2.43 -2.70
C GLY A 10 8.11 2.17 -3.03
N SER A 11 7.65 2.72 -4.14
CA SER A 11 6.30 2.45 -4.64
C SER A 11 6.09 0.93 -4.82
N LYS A 12 7.15 0.25 -5.27
CA LYS A 12 7.13 -1.22 -5.38
C LYS A 12 6.84 -1.85 -4.03
N ASP A 13 7.44 -1.28 -2.98
CA ASP A 13 7.29 -1.79 -1.62
C ASP A 13 5.91 -1.41 -1.07
N CYS A 14 5.20 -0.57 -1.79
CA CYS A 14 3.82 -0.26 -1.48
C CYS A 14 2.90 -1.22 -2.22
N TYR A 15 3.17 -1.39 -3.51
CA TYR A 15 2.34 -2.23 -4.38
C TYR A 15 2.30 -3.68 -3.89
N ALA A 16 3.43 -4.18 -3.40
CA ALA A 16 3.50 -5.56 -2.90
C ALA A 16 2.46 -5.79 -1.79
N PRO A 17 2.51 -5.03 -0.68
CA PRO A 17 1.47 -5.07 0.36
C PRO A 17 0.07 -4.96 -0.22
N CYS A 18 -0.12 -3.96 -1.08
CA CYS A 18 -1.43 -3.71 -1.68
C CYS A 18 -1.96 -4.94 -2.40
N ARG A 19 -1.15 -5.45 -3.34
CA ARG A 19 -1.56 -6.58 -4.16
C ARG A 19 -1.84 -7.82 -3.31
N LYS A 20 -0.86 -8.21 -2.52
CA LYS A 20 -0.93 -9.47 -1.76
C LYS A 20 -2.03 -9.42 -0.69
N GLN A 21 -2.23 -8.27 -0.09
CA GLN A 21 -3.15 -8.16 1.03
C GLN A 21 -4.58 -7.86 0.58
N THR A 22 -4.77 -6.80 -0.20
CA THR A 22 -6.12 -6.38 -0.54
C THR A 22 -6.47 -6.69 -2.01
N GLY A 23 -5.52 -7.27 -2.75
CA GLY A 23 -5.81 -7.68 -4.11
C GLY A 23 -5.70 -6.54 -5.10
N CYS A 24 -6.64 -5.61 -5.03
CA CYS A 24 -6.66 -4.49 -5.96
C CYS A 24 -5.65 -3.43 -5.52
N PRO A 25 -4.72 -3.05 -6.41
CA PRO A 25 -3.63 -2.14 -6.09
C PRO A 25 -4.05 -0.67 -6.13
N ASN A 26 -4.76 -0.23 -5.11
CA ASN A 26 -5.01 1.20 -4.92
C ASN A 26 -4.10 1.71 -3.81
N ALA A 27 -2.87 2.04 -4.19
CA ALA A 27 -1.85 2.39 -3.23
C ALA A 27 -1.77 3.89 -3.05
N LYS A 28 -1.95 4.33 -1.82
CA LYS A 28 -1.79 5.73 -1.47
C LYS A 28 -0.37 5.95 -0.97
N CYS A 29 0.50 6.43 -1.85
CA CYS A 29 1.90 6.60 -1.50
C CYS A 29 2.16 8.01 -1.00
N ILE A 30 1.98 8.20 0.30
CA ILE A 30 2.33 9.44 0.96
C ILE A 30 3.82 9.43 1.26
N ASN A 31 4.42 10.62 1.42
CA ASN A 31 5.88 10.79 1.65
C ASN A 31 6.53 9.59 2.31
N LYS A 32 6.05 9.23 3.50
CA LYS A 32 6.54 8.07 4.19
C LYS A 32 5.39 7.23 4.72
N SER A 33 4.25 7.30 4.02
CA SER A 33 3.06 6.61 4.46
C SER A 33 2.33 5.96 3.28
N CYS A 34 2.67 4.71 3.01
CA CYS A 34 1.96 3.90 2.03
C CYS A 34 0.75 3.28 2.69
N LYS A 35 -0.40 3.43 2.08
CA LYS A 35 -1.61 2.79 2.57
C LYS A 35 -2.32 2.07 1.43
N CYS A 36 -2.58 0.78 1.64
CA CYS A 36 -3.10 -0.06 0.58
C CYS A 36 -4.61 -0.23 0.69
N TYR A 37 -5.29 0.13 -0.39
CA TYR A 37 -6.73 0.00 -0.47
C TYR A 37 -7.07 -0.80 -1.72
N GLY A 38 -8.17 -1.52 -1.69
CA GLY A 38 -8.51 -2.36 -2.82
C GLY A 38 -9.98 -2.67 -2.92
N CYS A 39 -10.30 -3.95 -3.13
CA CYS A 39 -11.67 -4.37 -3.34
C CYS A 39 -12.12 -5.29 -2.22
N GLY A 1 -11.94 -1.24 5.67
CA GLY A 1 -10.99 -0.12 5.90
C GLY A 1 -9.82 -0.52 6.77
N VAL A 2 -9.09 -1.54 6.35
CA VAL A 2 -7.94 -2.01 7.10
C VAL A 2 -6.69 -1.22 6.71
N PRO A 3 -6.02 -0.60 7.69
CA PRO A 3 -4.79 0.15 7.48
C PRO A 3 -3.57 -0.75 7.52
N ILE A 4 -3.00 -1.03 6.35
CA ILE A 4 -1.84 -1.88 6.27
C ILE A 4 -0.58 -1.11 6.65
N ASN A 5 0.25 -1.71 7.49
CA ASN A 5 1.44 -1.04 7.99
C ASN A 5 2.57 -1.16 6.99
N VAL A 6 2.42 -0.47 5.88
CA VAL A 6 3.39 -0.49 4.81
C VAL A 6 4.15 0.84 4.74
N SER A 7 5.44 0.77 4.48
CA SER A 7 6.29 1.94 4.43
C SER A 7 6.15 2.67 3.11
N CYS A 8 6.91 3.75 2.95
CA CYS A 8 6.78 4.58 1.77
C CYS A 8 8.16 4.89 1.19
N THR A 9 8.89 3.84 0.86
CA THR A 9 10.17 4.01 0.22
C THR A 9 10.00 3.99 -1.31
N GLY A 10 9.80 2.81 -1.87
CA GLY A 10 9.53 2.70 -3.29
C GLY A 10 8.07 2.46 -3.59
N SER A 11 7.70 2.50 -4.86
CA SER A 11 6.34 2.19 -5.27
C SER A 11 6.03 0.71 -5.06
N LYS A 12 6.99 -0.15 -5.36
CA LYS A 12 6.84 -1.59 -5.20
C LYS A 12 6.75 -1.95 -3.72
N ASP A 13 7.45 -1.16 -2.91
CA ASP A 13 7.41 -1.29 -1.46
C ASP A 13 5.98 -1.22 -0.95
N CYS A 14 5.17 -0.43 -1.63
CA CYS A 14 3.75 -0.34 -1.33
C CYS A 14 2.96 -1.45 -2.02
N TYR A 15 3.18 -1.60 -3.33
CA TYR A 15 2.35 -2.46 -4.16
C TYR A 15 2.41 -3.92 -3.72
N ALA A 16 3.50 -4.34 -3.08
CA ALA A 16 3.59 -5.70 -2.58
C ALA A 16 2.51 -5.96 -1.52
N PRO A 17 2.53 -5.26 -0.35
CA PRO A 17 1.45 -5.35 0.64
C PRO A 17 0.08 -5.12 0.02
N CYS A 18 -0.02 -4.07 -0.78
CA CYS A 18 -1.29 -3.65 -1.35
C CYS A 18 -1.91 -4.74 -2.23
N ARG A 19 -1.18 -5.17 -3.25
CA ARG A 19 -1.74 -6.12 -4.21
C ARG A 19 -1.90 -7.50 -3.57
N LYS A 20 -0.86 -7.98 -2.91
CA LYS A 20 -0.88 -9.32 -2.33
C LYS A 20 -2.01 -9.48 -1.33
N GLN A 21 -2.17 -8.49 -0.45
CA GLN A 21 -3.14 -8.59 0.63
C GLN A 21 -4.51 -8.05 0.23
N THR A 22 -4.54 -6.83 -0.27
CA THR A 22 -5.79 -6.16 -0.56
C THR A 22 -6.32 -6.52 -1.95
N GLY A 23 -5.51 -7.19 -2.76
CA GLY A 23 -5.96 -7.63 -4.07
C GLY A 23 -5.80 -6.56 -5.13
N CYS A 24 -6.66 -5.55 -5.07
CA CYS A 24 -6.60 -4.45 -6.01
C CYS A 24 -5.60 -3.41 -5.52
N PRO A 25 -4.60 -3.06 -6.36
CA PRO A 25 -3.55 -2.12 -5.98
C PRO A 25 -4.02 -0.67 -6.01
N ASN A 26 -4.87 -0.29 -5.06
CA ASN A 26 -5.25 1.10 -4.90
C ASN A 26 -4.50 1.68 -3.71
N ALA A 27 -3.31 2.17 -3.97
CA ALA A 27 -2.40 2.56 -2.92
C ALA A 27 -1.93 4.00 -3.09
N LYS A 28 -1.34 4.53 -2.03
CA LYS A 28 -0.73 5.84 -2.11
C LYS A 28 0.45 5.95 -1.14
N CYS A 29 1.60 6.28 -1.69
CA CYS A 29 2.80 6.51 -0.91
C CYS A 29 2.75 7.94 -0.35
N ILE A 30 2.31 8.06 0.90
CA ILE A 30 2.09 9.37 1.51
C ILE A 30 3.24 9.70 2.49
N ASN A 31 3.16 10.86 3.11
CA ASN A 31 4.18 11.34 4.04
C ASN A 31 4.61 10.27 5.05
N LYS A 32 5.70 9.59 4.72
CA LYS A 32 6.33 8.59 5.60
C LYS A 32 5.37 7.44 5.94
N SER A 33 4.39 7.22 5.09
CA SER A 33 3.44 6.13 5.29
C SER A 33 2.85 5.73 3.95
N CYS A 34 2.24 4.58 3.87
CA CYS A 34 1.59 4.17 2.65
C CYS A 34 0.25 3.53 2.95
N LYS A 35 -0.72 3.79 2.10
CA LYS A 35 -2.05 3.21 2.26
C LYS A 35 -2.30 2.16 1.18
N CYS A 36 -2.60 0.95 1.63
CA CYS A 36 -2.97 -0.15 0.73
C CYS A 36 -4.45 -0.44 0.80
N TYR A 37 -5.17 -0.07 -0.23
CA TYR A 37 -6.59 -0.37 -0.29
C TYR A 37 -6.92 -0.93 -1.66
N GLY A 38 -8.07 -1.57 -1.76
CA GLY A 38 -8.47 -2.12 -3.02
C GLY A 38 -9.97 -2.20 -3.18
N CYS A 39 -10.43 -3.27 -3.78
CA CYS A 39 -11.84 -3.47 -4.05
C CYS A 39 -12.53 -4.05 -2.82
N GLY A 1 -8.04 -7.30 5.60
CA GLY A 1 -6.70 -7.03 6.15
C GLY A 1 -6.66 -5.72 6.90
N VAL A 2 -5.63 -5.54 7.71
CA VAL A 2 -5.47 -4.31 8.46
C VAL A 2 -4.65 -3.30 7.67
N PRO A 3 -5.08 -2.02 7.70
CA PRO A 3 -4.41 -0.88 7.07
C PRO A 3 -2.90 -1.04 7.00
N ILE A 4 -2.41 -1.23 5.79
CA ILE A 4 -1.01 -1.51 5.57
C ILE A 4 -0.19 -0.24 5.63
N ASN A 5 0.53 -0.06 6.73
CA ASN A 5 1.33 1.13 6.98
C ASN A 5 2.75 0.93 6.49
N VAL A 6 2.88 0.56 5.23
CA VAL A 6 4.17 0.35 4.60
C VAL A 6 4.77 1.70 4.21
N SER A 7 6.10 1.79 4.22
CA SER A 7 6.77 3.06 3.97
C SER A 7 6.45 3.60 2.57
N CYS A 8 6.47 4.92 2.44
CA CYS A 8 6.15 5.58 1.18
C CYS A 8 7.43 5.86 0.42
N THR A 9 8.34 4.91 0.49
CA THR A 9 9.61 5.01 -0.21
C THR A 9 9.49 4.46 -1.62
N GLY A 10 9.29 3.16 -1.73
CA GLY A 10 9.10 2.54 -3.02
C GLY A 10 7.65 2.21 -3.29
N SER A 11 7.10 2.80 -4.35
CA SER A 11 5.77 2.44 -4.82
C SER A 11 5.61 0.93 -4.95
N LYS A 12 6.63 0.26 -5.49
CA LYS A 12 6.58 -1.18 -5.66
C LYS A 12 6.66 -1.90 -4.32
N ASP A 13 7.47 -1.34 -3.42
CA ASP A 13 7.59 -1.85 -2.06
C ASP A 13 6.26 -1.71 -1.33
N CYS A 14 5.42 -0.82 -1.83
CA CYS A 14 4.06 -0.65 -1.33
C CYS A 14 3.10 -1.58 -2.07
N TYR A 15 3.26 -1.65 -3.39
CA TYR A 15 2.35 -2.43 -4.24
C TYR A 15 2.35 -3.91 -3.86
N ALA A 16 3.49 -4.43 -3.42
CA ALA A 16 3.58 -5.82 -2.99
C ALA A 16 2.61 -6.10 -1.81
N PRO A 17 2.75 -5.38 -0.67
CA PRO A 17 1.78 -5.44 0.42
C PRO A 17 0.35 -5.24 -0.06
N CYS A 18 0.14 -4.24 -0.91
CA CYS A 18 -1.18 -3.93 -1.43
C CYS A 18 -1.78 -5.13 -2.17
N ARG A 19 -0.97 -5.74 -3.03
CA ARG A 19 -1.41 -6.89 -3.81
C ARG A 19 -1.80 -8.04 -2.90
N LYS A 20 -0.91 -8.38 -1.98
CA LYS A 20 -1.11 -9.53 -1.10
C LYS A 20 -2.31 -9.30 -0.17
N GLN A 21 -2.55 -8.06 0.21
CA GLN A 21 -3.62 -7.73 1.13
C GLN A 21 -4.96 -7.52 0.42
N THR A 22 -5.01 -6.59 -0.53
CA THR A 22 -6.28 -6.21 -1.12
C THR A 22 -6.37 -6.56 -2.61
N GLY A 23 -5.35 -7.24 -3.13
CA GLY A 23 -5.36 -7.63 -4.54
C GLY A 23 -5.07 -6.46 -5.45
N CYS A 24 -6.07 -5.60 -5.64
CA CYS A 24 -5.91 -4.40 -6.46
C CYS A 24 -5.20 -3.31 -5.70
N PRO A 25 -3.95 -3.01 -6.09
CA PRO A 25 -3.11 -2.04 -5.37
C PRO A 25 -3.51 -0.59 -5.61
N ASN A 26 -4.48 -0.11 -4.85
CA ASN A 26 -4.79 1.31 -4.81
C ASN A 26 -4.04 1.91 -3.63
N ALA A 27 -2.77 2.18 -3.85
CA ALA A 27 -1.88 2.58 -2.78
C ALA A 27 -1.83 4.09 -2.62
N LYS A 28 -2.23 4.54 -1.45
CA LYS A 28 -2.16 5.96 -1.10
C LYS A 28 -0.81 6.25 -0.46
N CYS A 29 0.19 6.53 -1.28
CA CYS A 29 1.54 6.75 -0.78
C CYS A 29 1.65 8.16 -0.20
N ILE A 30 1.43 8.27 1.09
CA ILE A 30 1.63 9.53 1.80
C ILE A 30 2.90 9.41 2.63
N ASN A 31 3.62 10.53 2.80
CA ASN A 31 4.95 10.51 3.39
C ASN A 31 4.98 9.96 4.82
N LYS A 32 3.82 9.73 5.41
CA LYS A 32 3.76 8.99 6.67
C LYS A 32 3.78 7.51 6.39
N SER A 33 2.92 7.09 5.46
CA SER A 33 2.75 5.70 5.13
C SER A 33 2.05 5.54 3.79
N CYS A 34 2.39 4.48 3.07
CA CYS A 34 1.70 4.15 1.84
C CYS A 34 0.55 3.21 2.16
N LYS A 35 -0.66 3.74 2.11
CA LYS A 35 -1.81 3.01 2.58
C LYS A 35 -2.43 2.17 1.46
N CYS A 36 -2.41 0.85 1.63
CA CYS A 36 -2.96 -0.06 0.64
C CYS A 36 -4.47 -0.16 0.73
N TYR A 37 -5.15 0.28 -0.33
CA TYR A 37 -6.59 0.17 -0.40
C TYR A 37 -6.98 -0.54 -1.69
N GLY A 38 -8.21 -1.04 -1.73
CA GLY A 38 -8.71 -1.67 -2.93
C GLY A 38 -9.43 -0.67 -3.81
N CYS A 39 -9.41 -0.91 -5.10
CA CYS A 39 -10.07 -0.03 -6.05
C CYS A 39 -11.56 -0.33 -6.13
N GLY A 1 -3.43 -5.02 13.94
CA GLY A 1 -4.25 -4.03 13.22
C GLY A 1 -4.35 -4.34 11.74
N VAL A 2 -3.89 -3.43 10.90
CA VAL A 2 -3.91 -3.64 9.47
C VAL A 2 -2.62 -4.31 9.01
N PRO A 3 -2.68 -5.09 7.92
CA PRO A 3 -1.50 -5.78 7.38
C PRO A 3 -0.83 -4.98 6.27
N ILE A 4 -1.03 -3.68 6.27
CA ILE A 4 -0.56 -2.82 5.18
C ILE A 4 0.23 -1.63 5.73
N ASN A 5 1.01 -1.86 6.78
CA ASN A 5 1.80 -0.79 7.38
C ASN A 5 3.15 -0.68 6.67
N VAL A 6 3.10 -0.27 5.43
CA VAL A 6 4.29 -0.12 4.62
C VAL A 6 4.59 1.37 4.41
N SER A 7 5.87 1.72 4.50
CA SER A 7 6.29 3.12 4.48
C SER A 7 6.14 3.73 3.08
N CYS A 8 6.23 5.05 3.01
CA CYS A 8 6.09 5.78 1.76
C CYS A 8 7.46 6.00 1.16
N THR A 9 8.26 4.95 1.19
CA THR A 9 9.58 4.96 0.60
C THR A 9 9.50 4.56 -0.87
N GLY A 10 9.29 3.27 -1.12
CA GLY A 10 9.15 2.79 -2.48
C GLY A 10 7.71 2.53 -2.86
N SER A 11 7.31 2.98 -4.04
CA SER A 11 5.98 2.70 -4.56
C SER A 11 5.77 1.19 -4.68
N LYS A 12 6.76 0.49 -5.24
CA LYS A 12 6.65 -0.95 -5.42
C LYS A 12 6.66 -1.65 -4.06
N ASP A 13 7.31 -1.00 -3.11
CA ASP A 13 7.45 -1.52 -1.76
C ASP A 13 6.08 -1.63 -1.08
N CYS A 14 5.17 -0.71 -1.42
CA CYS A 14 3.81 -0.81 -0.94
C CYS A 14 2.92 -1.60 -1.90
N TYR A 15 3.23 -1.55 -3.20
CA TYR A 15 2.45 -2.30 -4.19
C TYR A 15 2.41 -3.79 -3.85
N ALA A 16 3.52 -4.32 -3.34
CA ALA A 16 3.56 -5.73 -2.93
C ALA A 16 2.49 -6.03 -1.85
N PRO A 17 2.50 -5.33 -0.69
CA PRO A 17 1.43 -5.44 0.32
C PRO A 17 0.05 -5.24 -0.29
N CYS A 18 -0.11 -4.17 -1.05
CA CYS A 18 -1.39 -3.84 -1.67
C CYS A 18 -1.97 -5.03 -2.43
N ARG A 19 -1.15 -5.60 -3.31
CA ARG A 19 -1.57 -6.71 -4.14
C ARG A 19 -1.89 -7.95 -3.30
N LYS A 20 -0.92 -8.40 -2.52
CA LYS A 20 -1.06 -9.68 -1.84
C LYS A 20 -2.08 -9.62 -0.70
N GLN A 21 -2.23 -8.45 -0.09
CA GLN A 21 -3.18 -8.31 1.01
C GLN A 21 -4.55 -7.88 0.49
N THR A 22 -4.60 -6.74 -0.18
CA THR A 22 -5.85 -6.15 -0.58
C THR A 22 -6.36 -6.71 -1.91
N GLY A 23 -5.46 -7.27 -2.70
CA GLY A 23 -5.84 -7.75 -4.02
C GLY A 23 -5.79 -6.64 -5.05
N CYS A 24 -6.74 -5.73 -4.95
CA CYS A 24 -6.77 -4.56 -5.80
C CYS A 24 -5.79 -3.52 -5.25
N PRO A 25 -4.72 -3.22 -6.00
CA PRO A 25 -3.64 -2.38 -5.53
C PRO A 25 -3.81 -0.89 -5.84
N ASN A 26 -4.59 -0.20 -5.04
CA ASN A 26 -4.66 1.26 -5.09
C ASN A 26 -3.88 1.81 -3.91
N ALA A 27 -2.60 2.03 -4.11
CA ALA A 27 -1.73 2.45 -3.02
C ALA A 27 -1.65 3.97 -2.94
N LYS A 28 -1.81 4.48 -1.75
CA LYS A 28 -1.74 5.90 -1.51
C LYS A 28 -0.51 6.21 -0.67
N CYS A 29 0.55 6.66 -1.34
CA CYS A 29 1.81 6.94 -0.65
C CYS A 29 1.72 8.29 0.06
N ILE A 30 1.26 8.25 1.30
CA ILE A 30 1.20 9.45 2.12
C ILE A 30 2.51 9.59 2.87
N ASN A 31 2.95 10.84 3.08
CA ASN A 31 4.28 11.18 3.65
C ASN A 31 4.96 10.04 4.40
N LYS A 32 4.32 9.53 5.45
CA LYS A 32 4.93 8.50 6.28
C LYS A 32 4.81 7.11 5.64
N SER A 33 3.63 6.77 5.13
CA SER A 33 3.33 5.40 4.74
C SER A 33 2.49 5.34 3.47
N CYS A 34 2.73 4.30 2.68
CA CYS A 34 1.97 4.06 1.45
C CYS A 34 0.86 3.07 1.75
N LYS A 35 -0.33 3.59 2.04
CA LYS A 35 -1.45 2.75 2.48
C LYS A 35 -2.11 2.04 1.30
N CYS A 36 -2.48 0.79 1.52
CA CYS A 36 -3.03 -0.04 0.46
C CYS A 36 -4.55 -0.12 0.53
N TYR A 37 -5.19 0.40 -0.49
CA TYR A 37 -6.63 0.36 -0.59
C TYR A 37 -7.02 -0.29 -1.89
N GLY A 38 -8.15 -0.97 -1.91
CA GLY A 38 -8.61 -1.61 -3.12
C GLY A 38 -10.07 -1.97 -3.08
N CYS A 39 -10.36 -3.18 -3.50
CA CYS A 39 -11.72 -3.69 -3.51
C CYS A 39 -12.11 -4.21 -2.13
N GLY A 1 -11.22 0.29 4.15
CA GLY A 1 -9.99 1.09 4.35
C GLY A 1 -9.03 0.44 5.32
N VAL A 2 -8.15 -0.39 4.81
CA VAL A 2 -7.19 -1.09 5.66
C VAL A 2 -5.91 -0.27 5.80
N PRO A 3 -5.41 -0.14 7.04
CA PRO A 3 -4.23 0.64 7.33
C PRO A 3 -2.94 -0.18 7.20
N ILE A 4 -2.62 -0.56 5.96
CA ILE A 4 -1.36 -1.26 5.71
C ILE A 4 -0.22 -0.27 5.71
N ASN A 5 0.53 -0.25 6.80
CA ASN A 5 1.52 0.79 7.05
C ASN A 5 2.87 0.37 6.49
N VAL A 6 3.07 0.70 5.24
CA VAL A 6 4.31 0.44 4.55
C VAL A 6 5.05 1.75 4.31
N SER A 7 6.37 1.71 4.29
CA SER A 7 7.17 2.90 4.16
C SER A 7 7.00 3.54 2.78
N CYS A 8 6.95 4.86 2.74
CA CYS A 8 6.67 5.61 1.53
C CYS A 8 7.94 5.84 0.73
N THR A 9 8.82 4.87 0.78
CA THR A 9 10.07 4.94 0.05
C THR A 9 9.87 4.37 -1.36
N GLY A 10 9.54 3.10 -1.43
CA GLY A 10 9.23 2.49 -2.70
C GLY A 10 7.74 2.33 -2.93
N SER A 11 7.20 2.99 -3.93
CA SER A 11 5.80 2.81 -4.32
C SER A 11 5.56 1.36 -4.74
N LYS A 12 6.57 0.74 -5.35
CA LYS A 12 6.50 -0.68 -5.68
C LYS A 12 6.41 -1.50 -4.41
N ASP A 13 7.16 -1.06 -3.40
CA ASP A 13 7.17 -1.72 -2.11
C ASP A 13 5.84 -1.50 -1.39
N CYS A 14 5.05 -0.56 -1.90
CA CYS A 14 3.66 -0.42 -1.47
C CYS A 14 2.79 -1.41 -2.22
N TYR A 15 2.99 -1.49 -3.53
CA TYR A 15 2.17 -2.35 -4.39
C TYR A 15 2.21 -3.81 -3.95
N ALA A 16 3.35 -4.26 -3.43
CA ALA A 16 3.45 -5.63 -2.93
C ALA A 16 2.42 -5.90 -1.81
N PRO A 17 2.46 -5.15 -0.67
CA PRO A 17 1.41 -5.23 0.37
C PRO A 17 0.01 -5.08 -0.20
N CYS A 18 -0.17 -4.12 -1.08
CA CYS A 18 -1.48 -3.82 -1.64
C CYS A 18 -2.04 -4.99 -2.41
N ARG A 19 -1.22 -5.60 -3.26
CA ARG A 19 -1.64 -6.73 -4.05
C ARG A 19 -1.96 -7.92 -3.14
N LYS A 20 -1.00 -8.27 -2.29
CA LYS A 20 -1.14 -9.43 -1.42
C LYS A 20 -2.31 -9.29 -0.45
N GLN A 21 -2.46 -8.13 0.15
CA GLN A 21 -3.48 -7.94 1.17
C GLN A 21 -4.83 -7.61 0.54
N THR A 22 -4.87 -6.56 -0.28
CA THR A 22 -6.13 -6.05 -0.80
C THR A 22 -6.51 -6.71 -2.13
N GLY A 23 -5.57 -7.40 -2.76
CA GLY A 23 -5.85 -8.03 -4.04
C GLY A 23 -5.70 -7.06 -5.19
N CYS A 24 -6.55 -6.05 -5.20
CA CYS A 24 -6.45 -4.97 -6.17
C CYS A 24 -5.47 -3.92 -5.65
N PRO A 25 -4.38 -3.67 -6.40
CA PRO A 25 -3.30 -2.79 -5.96
C PRO A 25 -3.59 -1.31 -6.20
N ASN A 26 -4.06 -0.62 -5.18
CA ASN A 26 -4.17 0.83 -5.22
C ASN A 26 -3.46 1.42 -4.01
N ALA A 27 -2.21 1.79 -4.19
CA ALA A 27 -1.39 2.28 -3.09
C ALA A 27 -1.50 3.78 -2.94
N LYS A 28 -1.67 4.23 -1.71
CA LYS A 28 -1.74 5.66 -1.40
C LYS A 28 -0.57 6.04 -0.51
N CYS A 29 0.41 6.71 -1.09
CA CYS A 29 1.58 7.16 -0.33
C CYS A 29 1.26 8.46 0.39
N ILE A 30 0.94 8.35 1.68
CA ILE A 30 0.66 9.52 2.50
C ILE A 30 1.95 9.99 3.16
N ASN A 31 1.91 11.16 3.79
CA ASN A 31 3.07 11.76 4.48
C ASN A 31 3.91 10.73 5.21
N LYS A 32 4.94 10.26 4.51
CA LYS A 32 5.89 9.27 5.02
C LYS A 32 5.18 8.05 5.61
N SER A 33 4.05 7.70 5.01
CA SER A 33 3.30 6.53 5.41
C SER A 33 2.42 6.06 4.27
N CYS A 34 2.82 4.96 3.66
CA CYS A 34 2.11 4.42 2.52
C CYS A 34 1.05 3.45 3.02
N LYS A 35 -0.12 3.47 2.40
CA LYS A 35 -1.23 2.61 2.80
C LYS A 35 -1.90 1.98 1.59
N CYS A 36 -2.46 0.79 1.78
CA CYS A 36 -2.97 0.00 0.67
C CYS A 36 -4.49 -0.01 0.60
N TYR A 37 -4.98 0.25 -0.59
CA TYR A 37 -6.41 0.23 -0.88
C TYR A 37 -6.63 -0.62 -2.12
N GLY A 38 -7.85 -1.08 -2.30
CA GLY A 38 -8.12 -1.99 -3.39
C GLY A 38 -9.21 -1.53 -4.31
N CYS A 39 -9.85 -2.48 -4.95
CA CYS A 39 -10.94 -2.20 -5.88
C CYS A 39 -12.26 -2.34 -5.14
N GLY A 1 -11.35 -0.94 3.26
CA GLY A 1 -9.92 -1.04 2.93
C GLY A 1 -9.09 -1.48 4.12
N VAL A 2 -7.94 -2.10 3.85
CA VAL A 2 -7.08 -2.59 4.92
C VAL A 2 -6.07 -1.52 5.33
N PRO A 3 -5.93 -1.30 6.64
CA PRO A 3 -5.02 -0.29 7.19
C PRO A 3 -3.56 -0.74 7.17
N ILE A 4 -3.10 -1.19 6.01
CA ILE A 4 -1.72 -1.61 5.84
C ILE A 4 -0.84 -0.39 5.58
N ASN A 5 -0.24 0.14 6.64
CA ASN A 5 0.65 1.29 6.53
C ASN A 5 2.09 0.87 6.31
N VAL A 6 2.59 1.17 5.13
CA VAL A 6 3.97 0.87 4.76
C VAL A 6 4.69 2.21 4.51
N SER A 7 5.99 2.19 4.33
CA SER A 7 6.69 3.40 3.92
C SER A 7 6.70 3.48 2.39
N CYS A 8 6.45 4.66 1.85
CA CYS A 8 6.32 4.81 0.42
C CYS A 8 7.58 5.43 -0.16
N THR A 9 8.69 4.84 0.21
CA THR A 9 9.96 5.18 -0.40
C THR A 9 10.07 4.39 -1.69
N GLY A 10 9.70 3.13 -1.61
CA GLY A 10 9.54 2.32 -2.80
C GLY A 10 8.08 2.15 -3.16
N SER A 11 7.66 2.73 -4.28
CA SER A 11 6.32 2.51 -4.82
C SER A 11 6.00 1.03 -4.94
N LYS A 12 6.96 0.24 -5.44
CA LYS A 12 6.77 -1.21 -5.58
C LYS A 12 6.69 -1.85 -4.19
N ASP A 13 7.40 -1.26 -3.25
CA ASP A 13 7.42 -1.74 -1.87
C ASP A 13 6.07 -1.52 -1.22
N CYS A 14 5.30 -0.61 -1.79
CA CYS A 14 3.91 -0.44 -1.42
C CYS A 14 3.04 -1.47 -2.13
N TYR A 15 3.25 -1.59 -3.44
CA TYR A 15 2.42 -2.46 -4.28
C TYR A 15 2.43 -3.91 -3.80
N ALA A 16 3.56 -4.37 -3.29
CA ALA A 16 3.65 -5.74 -2.79
C ALA A 16 2.63 -5.99 -1.67
N PRO A 17 2.71 -5.28 -0.51
CA PRO A 17 1.70 -5.38 0.55
C PRO A 17 0.29 -5.14 0.04
N CYS A 18 0.12 -4.07 -0.72
CA CYS A 18 -1.20 -3.68 -1.22
C CYS A 18 -1.85 -4.81 -2.01
N ARG A 19 -1.19 -5.22 -3.08
CA ARG A 19 -1.75 -6.22 -3.98
C ARG A 19 -1.90 -7.57 -3.27
N LYS A 20 -0.89 -7.94 -2.50
CA LYS A 20 -0.90 -9.22 -1.79
C LYS A 20 -2.01 -9.27 -0.75
N GLN A 21 -2.31 -8.13 -0.13
CA GLN A 21 -3.30 -8.08 0.93
C GLN A 21 -4.72 -7.87 0.39
N THR A 22 -4.91 -6.80 -0.39
CA THR A 22 -6.26 -6.45 -0.81
C THR A 22 -6.54 -6.82 -2.28
N GLY A 23 -5.54 -7.37 -2.96
CA GLY A 23 -5.74 -7.78 -4.34
C GLY A 23 -5.69 -6.64 -5.32
N CYS A 24 -6.66 -5.75 -5.22
CA CYS A 24 -6.75 -4.59 -6.10
C CYS A 24 -5.78 -3.50 -5.64
N PRO A 25 -4.91 -3.01 -6.53
CA PRO A 25 -3.85 -2.10 -6.17
C PRO A 25 -4.25 -0.63 -6.20
N ASN A 26 -4.88 -0.17 -5.13
CA ASN A 26 -5.13 1.26 -4.94
C ASN A 26 -4.30 1.76 -3.77
N ALA A 27 -3.03 2.01 -4.04
CA ALA A 27 -2.10 2.42 -3.00
C ALA A 27 -2.00 3.95 -2.92
N LYS A 28 -1.53 4.43 -1.79
CA LYS A 28 -1.45 5.87 -1.56
C LYS A 28 -0.16 6.22 -0.82
N CYS A 29 0.79 6.83 -1.51
CA CYS A 29 2.03 7.25 -0.87
C CYS A 29 1.81 8.57 -0.13
N ILE A 30 1.47 8.47 1.15
CA ILE A 30 1.40 9.64 2.01
C ILE A 30 2.76 9.84 2.64
N ASN A 31 3.13 11.10 2.86
CA ASN A 31 4.43 11.48 3.40
C ASN A 31 4.99 10.50 4.42
N LYS A 32 4.20 10.15 5.43
CA LYS A 32 4.66 9.28 6.48
C LYS A 32 4.04 7.88 6.42
N SER A 33 3.14 7.63 5.48
CA SER A 33 2.43 6.36 5.44
C SER A 33 1.93 6.01 4.03
N CYS A 34 2.31 4.85 3.55
CA CYS A 34 1.77 4.32 2.32
C CYS A 34 0.58 3.44 2.65
N LYS A 35 -0.55 3.72 2.04
CA LYS A 35 -1.78 3.01 2.36
C LYS A 35 -2.18 2.05 1.24
N CYS A 36 -2.64 0.87 1.65
CA CYS A 36 -3.03 -0.17 0.70
C CYS A 36 -4.54 -0.41 0.71
N TYR A 37 -5.21 0.08 -0.31
CA TYR A 37 -6.66 -0.12 -0.43
C TYR A 37 -6.99 -0.78 -1.75
N GLY A 38 -8.04 -1.56 -1.78
CA GLY A 38 -8.45 -2.20 -3.00
C GLY A 38 -9.87 -2.71 -2.97
N CYS A 39 -10.01 -4.01 -3.04
CA CYS A 39 -11.32 -4.65 -3.04
C CYS A 39 -11.48 -5.49 -1.79
N GLY A 1 -7.94 1.80 8.71
CA GLY A 1 -6.45 1.74 8.78
C GLY A 1 -5.91 0.44 8.22
N VAL A 2 -4.92 0.56 7.35
CA VAL A 2 -4.30 -0.62 6.75
C VAL A 2 -3.12 -1.08 7.61
N PRO A 3 -2.95 -2.39 7.80
CA PRO A 3 -1.84 -2.94 8.58
C PRO A 3 -0.54 -3.01 7.78
N ILE A 4 -0.43 -2.17 6.76
CA ILE A 4 0.75 -2.15 5.91
C ILE A 4 1.35 -0.74 5.89
N ASN A 5 2.17 -0.47 6.90
CA ASN A 5 2.79 0.85 7.05
C ASN A 5 4.13 0.92 6.33
N VAL A 6 4.08 0.95 5.01
CA VAL A 6 5.28 1.09 4.20
C VAL A 6 5.43 2.54 3.77
N SER A 7 6.65 3.06 3.83
CA SER A 7 6.92 4.41 3.37
C SER A 7 6.67 4.51 1.87
N CYS A 8 5.97 5.56 1.45
CA CYS A 8 5.52 5.67 0.06
C CYS A 8 6.60 6.31 -0.80
N THR A 9 7.84 6.03 -0.47
CA THR A 9 8.96 6.46 -1.27
C THR A 9 9.22 5.42 -2.35
N GLY A 10 9.19 4.16 -1.93
CA GLY A 10 9.21 3.06 -2.86
C GLY A 10 7.83 2.47 -3.07
N SER A 11 7.06 3.08 -3.97
CA SER A 11 5.72 2.58 -4.31
C SER A 11 5.69 1.07 -4.53
N LYS A 12 6.75 0.51 -5.10
CA LYS A 12 6.83 -0.93 -5.32
C LYS A 12 6.69 -1.71 -4.01
N ASP A 13 7.33 -1.19 -2.97
CA ASP A 13 7.43 -1.89 -1.70
C ASP A 13 6.09 -1.88 -0.97
N CYS A 14 5.22 -0.93 -1.31
CA CYS A 14 3.86 -0.98 -0.81
C CYS A 14 2.95 -1.73 -1.78
N TYR A 15 3.15 -1.54 -3.08
CA TYR A 15 2.31 -2.19 -4.10
C TYR A 15 2.26 -3.70 -3.93
N ALA A 16 3.40 -4.31 -3.60
CA ALA A 16 3.43 -5.74 -3.36
C ALA A 16 2.48 -6.13 -2.21
N PRO A 17 2.68 -5.59 -0.98
CA PRO A 17 1.71 -5.74 0.12
C PRO A 17 0.27 -5.42 -0.29
N CYS A 18 0.10 -4.36 -1.07
CA CYS A 18 -1.22 -3.94 -1.53
C CYS A 18 -1.94 -5.09 -2.23
N ARG A 19 -1.34 -5.59 -3.30
CA ARG A 19 -1.94 -6.66 -4.07
C ARG A 19 -2.04 -7.93 -3.23
N LYS A 20 -0.93 -8.26 -2.56
CA LYS A 20 -0.84 -9.45 -1.72
C LYS A 20 -1.96 -9.49 -0.68
N GLN A 21 -2.27 -8.34 -0.10
CA GLN A 21 -3.30 -8.26 0.94
C GLN A 21 -4.67 -7.98 0.33
N THR A 22 -4.87 -6.75 -0.13
CA THR A 22 -6.21 -6.30 -0.51
C THR A 22 -6.53 -6.62 -1.98
N GLY A 23 -5.63 -7.32 -2.66
CA GLY A 23 -5.90 -7.73 -4.03
C GLY A 23 -5.71 -6.59 -5.02
N CYS A 24 -6.62 -5.65 -5.01
CA CYS A 24 -6.55 -4.49 -5.88
C CYS A 24 -5.58 -3.47 -5.29
N PRO A 25 -4.42 -3.27 -5.95
CA PRO A 25 -3.35 -2.47 -5.41
C PRO A 25 -3.46 -0.98 -5.72
N ASN A 26 -4.27 -0.27 -4.94
CA ASN A 26 -4.30 1.18 -5.01
C ASN A 26 -3.70 1.78 -3.75
N ALA A 27 -2.44 2.15 -3.83
CA ALA A 27 -1.71 2.64 -2.67
C ALA A 27 -1.54 4.14 -2.75
N LYS A 28 -2.01 4.84 -1.74
CA LYS A 28 -1.90 6.28 -1.69
C LYS A 28 -0.65 6.70 -0.91
N CYS A 29 0.14 7.59 -1.50
CA CYS A 29 1.34 8.09 -0.83
C CYS A 29 1.00 9.30 0.03
N ILE A 30 0.55 9.04 1.25
CA ILE A 30 0.32 10.10 2.22
C ILE A 30 1.62 10.33 2.97
N ASN A 31 1.66 11.36 3.82
CA ASN A 31 2.85 11.75 4.58
C ASN A 31 3.66 10.54 5.08
N LYS A 32 4.63 10.13 4.26
CA LYS A 32 5.52 9.00 4.54
C LYS A 32 4.76 7.71 4.86
N SER A 33 3.65 7.49 4.17
CA SER A 33 2.88 6.26 4.35
C SER A 33 2.18 5.88 3.05
N CYS A 34 2.41 4.65 2.61
CA CYS A 34 1.78 4.14 1.40
C CYS A 34 0.62 3.24 1.79
N LYS A 35 -0.59 3.78 1.71
CA LYS A 35 -1.78 3.08 2.16
C LYS A 35 -2.30 2.13 1.09
N CYS A 36 -2.25 0.83 1.38
CA CYS A 36 -2.74 -0.20 0.47
C CYS A 36 -4.25 -0.37 0.56
N TYR A 37 -4.95 0.17 -0.42
CA TYR A 37 -6.40 0.08 -0.43
C TYR A 37 -6.90 -0.47 -1.76
N GLY A 38 -8.03 -1.17 -1.69
CA GLY A 38 -8.63 -1.73 -2.87
C GLY A 38 -9.48 -0.74 -3.61
N CYS A 39 -9.86 -1.09 -4.82
CA CYS A 39 -10.67 -0.23 -5.66
C CYS A 39 -12.16 -0.50 -5.43
N GLY A 1 -8.24 -7.15 5.42
CA GLY A 1 -9.08 -5.93 5.38
C GLY A 1 -8.41 -4.81 4.62
N VAL A 2 -8.74 -3.58 4.97
CA VAL A 2 -8.12 -2.40 4.36
C VAL A 2 -6.88 -1.86 5.11
N PRO A 3 -6.62 -2.19 6.41
CA PRO A 3 -5.48 -1.63 7.13
C PRO A 3 -4.14 -2.26 6.75
N ILE A 4 -3.71 -2.10 5.50
CA ILE A 4 -2.37 -2.48 5.10
C ILE A 4 -1.51 -1.23 5.02
N ASN A 5 -0.95 -0.84 6.15
CA ASN A 5 -0.15 0.36 6.22
C ASN A 5 1.32 0.05 5.94
N VAL A 6 1.84 0.66 4.90
CA VAL A 6 3.20 0.41 4.45
C VAL A 6 4.01 1.70 4.54
N SER A 7 5.33 1.57 4.59
CA SER A 7 6.19 2.74 4.52
C SER A 7 6.27 3.23 3.08
N CYS A 8 6.67 4.46 2.88
CA CYS A 8 6.61 5.07 1.56
C CYS A 8 7.99 5.52 1.13
N THR A 9 8.92 4.59 1.13
CA THR A 9 10.21 4.83 0.53
C THR A 9 10.17 4.36 -0.92
N GLY A 10 9.84 3.08 -1.11
CA GLY A 10 9.63 2.54 -2.44
C GLY A 10 8.17 2.36 -2.76
N SER A 11 7.75 2.82 -3.94
CA SER A 11 6.35 2.66 -4.36
C SER A 11 6.02 1.20 -4.65
N LYS A 12 6.99 0.44 -5.15
CA LYS A 12 6.78 -0.97 -5.44
C LYS A 12 6.73 -1.74 -4.12
N ASP A 13 7.49 -1.24 -3.15
CA ASP A 13 7.47 -1.76 -1.79
C ASP A 13 6.07 -1.65 -1.19
N CYS A 14 5.30 -0.71 -1.72
CA CYS A 14 3.88 -0.58 -1.38
C CYS A 14 3.05 -1.57 -2.16
N TYR A 15 3.24 -1.59 -3.48
CA TYR A 15 2.41 -2.40 -4.37
C TYR A 15 2.39 -3.87 -4.00
N ALA A 16 3.52 -4.39 -3.49
CA ALA A 16 3.59 -5.79 -3.09
C ALA A 16 2.55 -6.12 -1.99
N PRO A 17 2.61 -5.45 -0.81
CA PRO A 17 1.56 -5.59 0.23
C PRO A 17 0.16 -5.30 -0.29
N CYS A 18 0.03 -4.22 -1.06
CA CYS A 18 -1.28 -3.84 -1.60
C CYS A 18 -1.91 -5.01 -2.36
N ARG A 19 -1.17 -5.55 -3.33
CA ARG A 19 -1.65 -6.69 -4.11
C ARG A 19 -1.87 -7.91 -3.23
N LYS A 20 -0.84 -8.26 -2.47
CA LYS A 20 -0.84 -9.47 -1.65
C LYS A 20 -2.04 -9.51 -0.73
N GLN A 21 -2.32 -8.40 -0.06
CA GLN A 21 -3.38 -8.36 0.92
C GLN A 21 -4.73 -7.97 0.31
N THR A 22 -4.80 -6.78 -0.29
CA THR A 22 -6.07 -6.24 -0.73
C THR A 22 -6.48 -6.75 -2.12
N GLY A 23 -5.54 -7.34 -2.86
CA GLY A 23 -5.85 -7.84 -4.19
C GLY A 23 -5.88 -6.73 -5.21
N CYS A 24 -6.81 -5.79 -5.03
CA CYS A 24 -6.86 -4.60 -5.86
C CYS A 24 -5.95 -3.53 -5.26
N PRO A 25 -4.79 -3.30 -5.88
CA PRO A 25 -3.75 -2.44 -5.33
C PRO A 25 -3.97 -0.96 -5.59
N ASN A 26 -4.88 -0.35 -4.84
CA ASN A 26 -5.01 1.10 -4.84
C ASN A 26 -4.17 1.66 -3.71
N ALA A 27 -3.03 2.22 -4.05
CA ALA A 27 -2.08 2.64 -3.04
C ALA A 27 -1.78 4.12 -3.15
N LYS A 28 -1.75 4.78 -2.00
CA LYS A 28 -1.40 6.18 -1.94
C LYS A 28 -0.11 6.33 -1.13
N CYS A 29 0.99 6.56 -1.82
CA CYS A 29 2.28 6.67 -1.17
C CYS A 29 2.48 8.09 -0.64
N ILE A 30 1.97 8.34 0.57
CA ILE A 30 2.09 9.65 1.19
C ILE A 30 3.41 9.71 1.96
N ASN A 31 3.86 10.91 2.31
CA ASN A 31 5.07 11.14 3.09
C ASN A 31 5.29 10.08 4.17
N LYS A 32 6.10 9.07 3.83
CA LYS A 32 6.44 7.97 4.72
C LYS A 32 5.21 7.24 5.26
N SER A 33 4.09 7.38 4.56
CA SER A 33 2.85 6.76 4.96
C SER A 33 2.13 6.23 3.73
N CYS A 34 2.31 4.96 3.45
CA CYS A 34 1.75 4.36 2.25
C CYS A 34 0.49 3.57 2.59
N LYS A 35 -0.60 3.90 1.92
CA LYS A 35 -1.88 3.26 2.17
C LYS A 35 -2.24 2.25 1.07
N CYS A 36 -2.35 0.98 1.44
CA CYS A 36 -2.86 -0.05 0.53
C CYS A 36 -4.35 -0.24 0.72
N TYR A 37 -5.13 0.12 -0.28
CA TYR A 37 -6.58 -0.05 -0.22
C TYR A 37 -7.10 -0.71 -1.47
N GLY A 38 -8.26 -1.33 -1.36
CA GLY A 38 -8.89 -1.94 -2.50
C GLY A 38 -9.86 -0.99 -3.17
N CYS A 39 -10.18 -1.26 -4.42
CA CYS A 39 -11.09 -0.41 -5.17
C CYS A 39 -12.54 -0.73 -4.81
N GLY A 1 -9.55 -5.46 10.02
CA GLY A 1 -8.60 -5.24 8.90
C GLY A 1 -7.26 -4.73 9.38
N VAL A 2 -6.19 -5.21 8.78
CA VAL A 2 -4.85 -4.76 9.16
C VAL A 2 -4.42 -3.57 8.31
N PRO A 3 -3.88 -2.53 8.96
CA PRO A 3 -3.43 -1.33 8.29
C PRO A 3 -2.00 -1.47 7.77
N ILE A 4 -1.86 -1.72 6.47
CA ILE A 4 -0.56 -1.91 5.87
C ILE A 4 0.12 -0.56 5.63
N ASN A 5 0.80 -0.06 6.65
CA ASN A 5 1.54 1.19 6.54
C ASN A 5 2.97 0.92 6.12
N VAL A 6 3.31 1.33 4.90
CA VAL A 6 4.66 1.14 4.38
C VAL A 6 5.22 2.50 3.94
N SER A 7 6.54 2.65 3.98
CA SER A 7 7.17 3.88 3.49
C SER A 7 6.95 3.99 1.98
N CYS A 8 6.23 5.01 1.55
CA CYS A 8 5.79 5.10 0.17
C CYS A 8 6.81 5.80 -0.71
N THR A 9 8.07 5.64 -0.37
CA THR A 9 9.13 6.13 -1.21
C THR A 9 9.44 5.06 -2.25
N GLY A 10 9.21 3.82 -1.85
CA GLY A 10 9.19 2.72 -2.78
C GLY A 10 7.75 2.30 -3.08
N SER A 11 7.14 2.94 -4.06
CA SER A 11 5.75 2.66 -4.42
C SER A 11 5.54 1.17 -4.74
N LYS A 12 6.48 0.56 -5.45
CA LYS A 12 6.41 -0.86 -5.78
C LYS A 12 6.55 -1.71 -4.52
N ASP A 13 7.44 -1.25 -3.64
CA ASP A 13 7.67 -1.88 -2.35
C ASP A 13 6.39 -1.90 -1.52
N CYS A 14 5.54 -0.90 -1.75
CA CYS A 14 4.24 -0.83 -1.10
C CYS A 14 3.21 -1.64 -1.91
N TYR A 15 3.31 -1.59 -3.23
CA TYR A 15 2.37 -2.28 -4.11
C TYR A 15 2.29 -3.77 -3.80
N ALA A 16 3.43 -4.40 -3.52
CA ALA A 16 3.45 -5.83 -3.20
C ALA A 16 2.52 -6.15 -2.01
N PRO A 17 2.73 -5.53 -0.82
CA PRO A 17 1.79 -5.64 0.31
C PRO A 17 0.34 -5.35 -0.09
N CYS A 18 0.15 -4.26 -0.81
CA CYS A 18 -1.19 -3.83 -1.20
C CYS A 18 -1.91 -4.89 -2.02
N ARG A 19 -1.25 -5.39 -3.06
CA ARG A 19 -1.86 -6.37 -3.94
C ARG A 19 -2.13 -7.68 -3.20
N LYS A 20 -1.16 -8.16 -2.45
CA LYS A 20 -1.30 -9.42 -1.73
C LYS A 20 -2.34 -9.32 -0.62
N GLN A 21 -2.47 -8.14 -0.03
CA GLN A 21 -3.40 -7.94 1.07
C GLN A 21 -4.83 -7.76 0.58
N THR A 22 -5.05 -6.75 -0.27
CA THR A 22 -6.41 -6.37 -0.61
C THR A 22 -6.73 -6.62 -2.10
N GLY A 23 -5.83 -7.30 -2.80
CA GLY A 23 -6.11 -7.67 -4.18
C GLY A 23 -5.60 -6.65 -5.18
N CYS A 24 -6.21 -5.48 -5.18
CA CYS A 24 -5.81 -4.42 -6.09
C CYS A 24 -4.81 -3.51 -5.40
N PRO A 25 -3.67 -3.24 -6.05
CA PRO A 25 -2.62 -2.41 -5.46
C PRO A 25 -2.86 -0.91 -5.63
N ASN A 26 -3.92 -0.41 -4.99
CA ASN A 26 -4.14 1.03 -4.95
C ASN A 26 -3.53 1.59 -3.69
N ALA A 27 -2.24 1.80 -3.73
CA ALA A 27 -1.50 2.32 -2.60
C ALA A 27 -1.43 3.84 -2.69
N LYS A 28 -2.01 4.51 -1.72
CA LYS A 28 -1.96 5.96 -1.67
C LYS A 28 -0.78 6.40 -0.82
N CYS A 29 0.21 7.00 -1.48
CA CYS A 29 1.41 7.46 -0.80
C CYS A 29 1.16 8.76 -0.08
N ILE A 30 0.96 8.67 1.23
CA ILE A 30 0.90 9.84 2.07
C ILE A 30 2.31 10.09 2.61
N ASN A 31 2.65 11.36 2.84
CA ASN A 31 4.02 11.76 3.14
C ASN A 31 4.76 10.76 4.04
N LYS A 32 4.16 10.38 5.15
CA LYS A 32 4.80 9.48 6.09
C LYS A 32 4.71 8.01 5.64
N SER A 33 3.60 7.64 5.02
CA SER A 33 3.34 6.23 4.73
C SER A 33 2.29 6.04 3.64
N CYS A 34 2.37 4.91 2.95
CA CYS A 34 1.38 4.55 1.95
C CYS A 34 0.29 3.73 2.59
N LYS A 35 -0.91 3.81 2.05
CA LYS A 35 -2.00 3.01 2.52
C LYS A 35 -2.51 2.08 1.42
N CYS A 36 -2.51 0.78 1.71
CA CYS A 36 -2.93 -0.25 0.75
C CYS A 36 -4.44 -0.37 0.68
N TYR A 37 -5.01 0.05 -0.44
CA TYR A 37 -6.44 -0.07 -0.66
C TYR A 37 -6.70 -0.69 -2.02
N GLY A 38 -7.86 -1.29 -2.17
CA GLY A 38 -8.25 -1.85 -3.44
C GLY A 38 -8.94 -0.84 -4.32
N CYS A 39 -9.01 -1.13 -5.61
CA CYS A 39 -9.66 -0.25 -6.56
C CYS A 39 -11.11 -0.66 -6.76
N GLY A 1 -8.82 -5.78 5.14
CA GLY A 1 -7.70 -6.05 6.07
C GLY A 1 -6.87 -4.82 6.31
N VAL A 2 -6.61 -4.50 7.58
CA VAL A 2 -5.83 -3.32 7.93
C VAL A 2 -4.31 -3.53 8.16
N PRO A 3 -3.65 -4.63 7.70
CA PRO A 3 -2.20 -4.75 7.84
C PRO A 3 -1.46 -4.21 6.62
N ILE A 4 -1.91 -3.06 6.13
CA ILE A 4 -1.29 -2.44 4.95
C ILE A 4 -0.41 -1.27 5.37
N ASN A 5 0.26 -1.46 6.50
CA ASN A 5 1.08 -0.41 7.10
C ASN A 5 2.47 -0.43 6.50
N VAL A 6 2.55 0.02 5.27
CA VAL A 6 3.79 0.00 4.51
C VAL A 6 4.39 1.40 4.41
N SER A 7 5.72 1.46 4.36
CA SER A 7 6.42 2.74 4.25
C SER A 7 6.37 3.26 2.82
N CYS A 8 6.92 4.44 2.60
CA CYS A 8 6.79 5.11 1.32
C CYS A 8 8.16 5.39 0.73
N THR A 9 8.96 4.36 0.62
CA THR A 9 10.24 4.47 -0.03
C THR A 9 10.08 4.22 -1.53
N GLY A 10 9.85 2.97 -1.89
CA GLY A 10 9.48 2.63 -3.24
C GLY A 10 7.98 2.36 -3.31
N SER A 11 7.34 2.80 -4.38
CA SER A 11 5.91 2.57 -4.53
C SER A 11 5.64 1.08 -4.76
N LYS A 12 6.64 0.38 -5.30
CA LYS A 12 6.55 -1.07 -5.48
C LYS A 12 6.58 -1.78 -4.12
N ASP A 13 7.26 -1.15 -3.16
CA ASP A 13 7.29 -1.65 -1.79
C ASP A 13 5.89 -1.60 -1.20
N CYS A 14 5.07 -0.69 -1.71
CA CYS A 14 3.66 -0.65 -1.37
C CYS A 14 2.90 -1.72 -2.14
N TYR A 15 3.19 -1.82 -3.44
CA TYR A 15 2.47 -2.73 -4.33
C TYR A 15 2.50 -4.16 -3.81
N ALA A 16 3.61 -4.57 -3.19
CA ALA A 16 3.70 -5.92 -2.61
C ALA A 16 2.57 -6.16 -1.58
N PRO A 17 2.53 -5.43 -0.43
CA PRO A 17 1.42 -5.52 0.53
C PRO A 17 0.06 -5.26 -0.13
N CYS A 18 0.01 -4.28 -1.02
CA CYS A 18 -1.23 -3.92 -1.70
C CYS A 18 -1.85 -5.15 -2.38
N ARG A 19 -1.15 -5.69 -3.36
CA ARG A 19 -1.66 -6.79 -4.14
C ARG A 19 -1.89 -8.02 -3.27
N LYS A 20 -0.90 -8.35 -2.46
CA LYS A 20 -0.94 -9.55 -1.63
C LYS A 20 -2.14 -9.55 -0.69
N GLN A 21 -2.36 -8.42 -0.01
CA GLN A 21 -3.37 -8.37 1.02
C GLN A 21 -4.73 -7.94 0.46
N THR A 22 -4.77 -6.82 -0.27
CA THR A 22 -6.04 -6.28 -0.70
C THR A 22 -6.31 -6.55 -2.20
N GLY A 23 -5.37 -7.21 -2.88
CA GLY A 23 -5.57 -7.56 -4.28
C GLY A 23 -5.40 -6.38 -5.22
N CYS A 24 -6.34 -5.45 -5.16
CA CYS A 24 -6.34 -4.28 -6.02
C CYS A 24 -5.36 -3.25 -5.48
N PRO A 25 -4.30 -2.94 -6.23
CA PRO A 25 -3.23 -2.06 -5.78
C PRO A 25 -3.57 -0.56 -5.87
N ASN A 26 -4.58 -0.13 -5.12
CA ASN A 26 -4.91 1.28 -5.06
C ASN A 26 -4.29 1.88 -3.80
N ALA A 27 -3.05 2.27 -3.92
CA ALA A 27 -2.28 2.74 -2.78
C ALA A 27 -1.95 4.21 -2.89
N LYS A 28 -1.97 4.89 -1.77
CA LYS A 28 -1.54 6.27 -1.70
C LYS A 28 -0.24 6.35 -0.91
N CYS A 29 0.84 6.72 -1.59
CA CYS A 29 2.14 6.76 -0.97
C CYS A 29 2.43 8.15 -0.42
N ILE A 30 2.11 8.36 0.84
CA ILE A 30 2.43 9.61 1.51
C ILE A 30 3.82 9.49 2.10
N ASN A 31 4.59 10.57 2.01
CA ASN A 31 5.99 10.59 2.46
C ASN A 31 6.15 10.08 3.90
N LYS A 32 5.07 10.12 4.67
CA LYS A 32 5.07 9.62 6.03
C LYS A 32 4.60 8.17 6.10
N SER A 33 3.65 7.82 5.24
CA SER A 33 2.99 6.53 5.32
C SER A 33 2.33 6.17 3.99
N CYS A 34 2.46 4.91 3.60
CA CYS A 34 1.82 4.42 2.39
C CYS A 34 0.65 3.53 2.76
N LYS A 35 -0.48 3.72 2.08
CA LYS A 35 -1.69 2.99 2.42
C LYS A 35 -2.20 2.17 1.24
N CYS A 36 -2.27 0.86 1.42
CA CYS A 36 -2.78 -0.06 0.39
C CYS A 36 -4.29 -0.26 0.54
N TYR A 37 -5.04 0.20 -0.45
CA TYR A 37 -6.48 -0.03 -0.45
C TYR A 37 -6.89 -0.70 -1.74
N GLY A 38 -8.02 -1.38 -1.69
CA GLY A 38 -8.48 -2.12 -2.84
C GLY A 38 -9.72 -1.50 -3.45
N CYS A 39 -9.97 -1.83 -4.69
CA CYS A 39 -11.12 -1.31 -5.41
C CYS A 39 -12.27 -2.31 -5.34
#